data_4NOE
#
_entry.id   4NOE
#
_cell.length_a   131.760
_cell.length_b   131.760
_cell.length_c   102.280
_cell.angle_alpha   90.00
_cell.angle_beta   90.00
_cell.angle_gamma   90.00
#
_symmetry.space_group_name_H-M   'P 42 21 2'
#
loop_
_entity.id
_entity.type
_entity.pdbx_description
1 polymer 'Single-stranded DNA-binding protein DdrB'
2 polymer "5'-D(*TP*TP*GP*CP*GP*CP*TP*TP*GP*CP*GP*CP*TP*TP*GP*CP*GP*CP*TP*TP*GP*CP*GP*CP*TP*TP*GP*CP*GP*CP)-3'"
3 non-polymer 'CALCIUM ION'
4 water water
#
loop_
_entity_poly.entity_id
_entity_poly.type
_entity_poly.pdbx_seq_one_letter_code
_entity_poly.pdbx_strand_id
1 'polypeptide(L)'
;DPFTMLQIEFITDLGARVTVNVEHESRLLDVQRHYGRLGWTSGEIPSGGYQFPIENEADFDWSLIGARKWKSPEGEELVI
HRGHAYRRRELEAVDSRKLKLPAAIKYSRGAKVSDPQHVREKADGDIEYVSLAIFRGGKRQERYAVPG
;
A,B,C,D,E
2 'polydeoxyribonucleotide'
;(DT)(DT)(DG)(DC)(DG)(DC)(DT)(DT)(DG)(DC)(DG)(DC)(DT)(DT)(DG)(DC)(DG)(DC)(DT)(DT)
(DG)(DC)(DG)(DC)(DT)(DT)(DG)(DC)(DG)(DC)
;
F
#
loop_
_chem_comp.id
_chem_comp.type
_chem_comp.name
_chem_comp.formula
CA non-polymer 'CALCIUM ION' 'Ca 2'
DC DNA linking 2'-DEOXYCYTIDINE-5'-MONOPHOSPHATE 'C9 H14 N3 O7 P'
DG DNA linking 2'-DEOXYGUANOSINE-5'-MONOPHOSPHATE 'C10 H14 N5 O7 P'
DT DNA linking THYMIDINE-5'-MONOPHOSPHATE 'C10 H15 N2 O8 P'
#
# COMPACT_ATOMS: atom_id res chain seq x y z
N MET A 5 24.26 -4.61 8.28
CA MET A 5 23.04 -5.42 8.39
C MET A 5 21.87 -4.86 7.57
N LEU A 6 21.16 -5.75 6.89
CA LEU A 6 19.96 -5.38 6.15
C LEU A 6 18.80 -6.18 6.70
N GLN A 7 17.60 -5.74 6.37
CA GLN A 7 16.40 -6.53 6.58
C GLN A 7 15.71 -6.66 5.25
N ILE A 8 15.19 -7.85 4.95
CA ILE A 8 14.37 -8.00 3.76
C ILE A 8 13.00 -8.52 4.16
N GLU A 9 11.95 -7.92 3.61
CA GLU A 9 10.58 -8.31 3.88
C GLU A 9 10.07 -9.24 2.79
N PHE A 10 9.56 -10.39 3.20
CA PHE A 10 9.07 -11.40 2.27
C PHE A 10 7.57 -11.54 2.45
N ILE A 11 6.92 -12.11 1.43
CA ILE A 11 5.58 -12.66 1.56
C ILE A 11 5.81 -14.15 1.39
N THR A 12 5.43 -14.94 2.39
CA THR A 12 5.74 -16.37 2.31
C THR A 12 4.83 -17.09 1.35
N ASP A 13 5.02 -18.41 1.25
CA ASP A 13 4.17 -19.26 0.41
C ASP A 13 2.77 -19.32 1.01
N LEU A 14 2.62 -18.89 2.26
CA LEU A 14 1.31 -18.85 2.90
C LEU A 14 0.76 -17.42 2.91
N GLY A 15 1.43 -16.49 2.21
CA GLY A 15 0.99 -15.10 2.18
C GLY A 15 1.40 -14.25 3.38
N ALA A 16 2.10 -14.86 4.35
CA ALA A 16 2.46 -14.11 5.57
C ALA A 16 3.57 -13.11 5.32
N ARG A 17 3.49 -11.99 6.04
CA ARG A 17 4.45 -10.92 5.90
C ARG A 17 5.58 -11.08 6.92
N VAL A 18 6.72 -11.55 6.45
CA VAL A 18 7.81 -11.97 7.32
C VAL A 18 9.10 -11.20 7.00
N THR A 19 9.75 -10.69 8.05
CA THR A 19 11.00 -9.96 7.86
C THR A 19 12.19 -10.78 8.32
N VAL A 20 13.23 -10.81 7.48
CA VAL A 20 14.46 -11.56 7.71
C VAL A 20 15.64 -10.61 7.89
N ASN A 21 16.49 -10.91 8.87
CA ASN A 21 17.72 -10.15 9.04
C ASN A 21 18.89 -10.79 8.30
N VAL A 22 19.67 -9.93 7.65
CA VAL A 22 20.80 -10.34 6.84
C VAL A 22 22.03 -9.61 7.40
N GLU A 23 23.01 -10.37 7.87
CA GLU A 23 24.11 -9.80 8.65
C GLU A 23 24.99 -8.86 7.85
N HIS A 24 25.16 -9.17 6.56
CA HIS A 24 25.98 -8.34 5.69
C HIS A 24 25.40 -8.34 4.27
N GLU A 25 25.51 -7.19 3.61
CA GLU A 25 24.85 -6.94 2.33
C GLU A 25 25.34 -7.81 1.16
N SER A 26 26.54 -8.38 1.31
CA SER A 26 27.11 -9.24 0.27
C SER A 26 26.32 -10.53 0.18
N ARG A 27 25.63 -10.85 1.26
CA ARG A 27 24.83 -12.07 1.31
C ARG A 27 23.39 -11.84 0.86
N LEU A 28 23.06 -10.62 0.44
CA LEU A 28 21.66 -10.28 0.11
C LEU A 28 21.04 -11.25 -0.89
N LEU A 29 21.69 -11.44 -2.03
CA LEU A 29 21.16 -12.31 -3.09
C LEU A 29 21.09 -13.78 -2.67
N ASP A 30 22.02 -14.22 -1.83
CA ASP A 30 22.00 -15.59 -1.28
C ASP A 30 20.72 -15.84 -0.48
N VAL A 31 20.35 -14.86 0.33
CA VAL A 31 19.17 -14.93 1.18
C VAL A 31 17.91 -14.86 0.30
N GLN A 32 17.98 -14.08 -0.78
CA GLN A 32 16.85 -13.98 -1.70
C GLN A 32 16.63 -15.30 -2.42
N ARG A 33 17.71 -15.93 -2.88
CA ARG A 33 17.64 -17.24 -3.50
C ARG A 33 17.10 -18.31 -2.55
N HIS A 34 17.63 -18.31 -1.33
CA HIS A 34 17.26 -19.31 -0.33
C HIS A 34 15.76 -19.33 -0.06
N TYR A 35 15.18 -18.17 0.24
CA TYR A 35 13.76 -18.13 0.54
C TYR A 35 12.91 -18.15 -0.74
N GLY A 36 13.44 -17.64 -1.84
CA GLY A 36 12.72 -17.65 -3.10
C GLY A 36 12.51 -19.06 -3.61
N ARG A 37 13.43 -19.94 -3.26
CA ARG A 37 13.29 -21.36 -3.58
C ARG A 37 12.09 -21.94 -2.84
N LEU A 38 11.81 -21.41 -1.64
CA LEU A 38 10.62 -21.78 -0.89
C LEU A 38 9.35 -21.09 -1.39
N GLY A 39 9.45 -20.35 -2.48
CA GLY A 39 8.27 -19.71 -3.03
C GLY A 39 8.00 -18.37 -2.37
N TRP A 40 8.88 -17.92 -1.48
CA TRP A 40 8.71 -16.61 -0.86
C TRP A 40 9.06 -15.51 -1.88
N THR A 41 8.33 -14.41 -1.83
CA THR A 41 8.63 -13.29 -2.70
C THR A 41 8.80 -12.02 -1.88
N SER A 42 9.56 -11.07 -2.42
CA SER A 42 9.75 -9.80 -1.73
C SER A 42 9.36 -8.68 -2.69
N GLY A 43 8.44 -7.82 -2.26
CA GLY A 43 7.98 -6.74 -3.09
C GLY A 43 6.90 -7.19 -4.07
N GLU A 44 6.53 -6.33 -5.00
CA GLU A 44 5.44 -6.63 -5.93
C GLU A 44 6.01 -6.89 -7.30
N ILE A 45 5.22 -7.52 -8.17
CA ILE A 45 5.59 -7.53 -9.59
C ILE A 45 5.46 -6.10 -10.10
N PRO A 46 6.56 -5.52 -10.62
CA PRO A 46 6.45 -4.16 -11.17
C PRO A 46 5.41 -4.15 -12.29
N SER A 47 4.74 -3.01 -12.50
CA SER A 47 3.76 -2.92 -13.60
C SER A 47 4.45 -3.21 -14.92
N GLY A 48 3.81 -4.02 -15.75
CA GLY A 48 4.43 -4.42 -16.99
C GLY A 48 5.28 -5.67 -16.85
N GLY A 49 5.54 -6.08 -15.61
CA GLY A 49 6.43 -7.21 -15.35
C GLY A 49 7.80 -6.70 -14.94
N TYR A 50 8.61 -7.55 -14.32
CA TYR A 50 9.99 -7.19 -14.10
C TYR A 50 10.60 -6.96 -15.49
N GLN A 51 11.55 -6.04 -15.57
CA GLN A 51 12.30 -5.88 -16.80
C GLN A 51 13.75 -6.32 -16.56
N PHE A 52 14.20 -7.36 -17.28
CA PHE A 52 15.57 -7.87 -17.13
C PHE A 52 16.34 -7.86 -18.48
N PRO A 53 17.68 -7.89 -18.43
CA PRO A 53 18.44 -7.84 -19.69
C PRO A 53 18.17 -9.08 -20.55
N ILE A 54 18.17 -8.92 -21.87
CA ILE A 54 17.84 -10.06 -22.73
C ILE A 54 18.84 -11.20 -22.55
N GLU A 55 20.11 -10.87 -22.37
CA GLU A 55 21.11 -11.92 -22.26
C GLU A 55 21.12 -12.51 -20.85
N ASN A 56 20.14 -12.16 -20.03
CA ASN A 56 19.97 -12.85 -18.75
C ASN A 56 18.93 -13.95 -18.81
N GLU A 57 18.17 -14.00 -19.91
CA GLU A 57 17.03 -14.91 -20.00
C GLU A 57 17.40 -16.39 -19.94
N ALA A 58 18.40 -16.80 -20.72
CA ALA A 58 18.70 -18.23 -20.90
C ALA A 58 19.02 -18.96 -19.60
N ASP A 59 19.69 -18.27 -18.68
CA ASP A 59 20.14 -18.90 -17.44
C ASP A 59 19.71 -18.12 -16.20
N PHE A 60 18.59 -17.41 -16.32
CA PHE A 60 18.09 -16.59 -15.24
C PHE A 60 17.74 -17.42 -14.01
N ASP A 61 18.13 -16.94 -12.83
CA ASP A 61 17.79 -17.65 -11.60
C ASP A 61 16.42 -17.24 -11.07
N TRP A 62 15.40 -18.00 -11.43
CA TRP A 62 14.04 -17.62 -11.08
C TRP A 62 13.77 -17.53 -9.58
N SER A 63 14.56 -18.21 -8.75
CA SER A 63 14.32 -18.17 -7.31
C SER A 63 14.53 -16.76 -6.77
N LEU A 64 15.22 -15.93 -7.54
CA LEU A 64 15.48 -14.54 -7.15
C LEU A 64 14.16 -13.77 -7.01
N ILE A 65 13.13 -14.18 -7.74
CA ILE A 65 11.82 -13.55 -7.60
C ILE A 65 10.81 -14.57 -7.07
N GLY A 66 11.32 -15.63 -6.44
CA GLY A 66 10.44 -16.62 -5.84
C GLY A 66 9.65 -17.44 -6.83
N ALA A 67 10.14 -17.53 -8.06
CA ALA A 67 9.50 -18.32 -9.10
C ALA A 67 10.30 -19.59 -9.35
N ARG A 68 9.73 -20.52 -10.12
CA ARG A 68 10.45 -21.71 -10.54
C ARG A 68 9.95 -22.24 -11.89
N LYS A 69 10.83 -22.88 -12.65
CA LYS A 69 10.41 -23.53 -13.90
C LYS A 69 9.70 -24.87 -13.66
N TRP A 70 8.77 -25.22 -14.54
CA TRP A 70 8.04 -26.49 -14.43
C TRP A 70 7.59 -27.00 -15.81
N LYS A 71 7.53 -28.32 -15.94
CA LYS A 71 7.10 -28.96 -17.18
C LYS A 71 5.67 -29.51 -17.06
N GLU A 76 5.70 -28.69 -22.17
CA GLU A 76 5.87 -27.24 -22.08
C GLU A 76 6.61 -26.79 -20.83
N GLU A 77 7.57 -25.88 -21.02
CA GLU A 77 8.29 -25.29 -19.89
C GLU A 77 7.62 -23.98 -19.45
N LEU A 78 7.02 -24.02 -18.27
CA LEU A 78 6.34 -22.85 -17.71
C LEU A 78 7.12 -22.29 -16.52
N VAL A 79 6.86 -21.03 -16.19
CA VAL A 79 7.34 -20.48 -14.93
C VAL A 79 6.16 -20.38 -13.96
N ILE A 80 6.33 -20.91 -12.75
CA ILE A 80 5.33 -20.80 -11.69
C ILE A 80 5.72 -19.69 -10.73
N HIS A 81 4.78 -18.81 -10.40
CA HIS A 81 5.02 -17.69 -9.51
C HIS A 81 3.71 -17.37 -8.80
N ARG A 82 3.72 -17.45 -7.47
CA ARG A 82 2.52 -17.24 -6.66
C ARG A 82 1.37 -18.14 -7.08
N GLY A 83 1.69 -19.38 -7.39
CA GLY A 83 0.69 -20.33 -7.83
C GLY A 83 0.04 -20.04 -9.17
N HIS A 84 0.62 -19.14 -9.97
CA HIS A 84 0.16 -18.96 -11.35
C HIS A 84 1.20 -19.46 -12.36
N ALA A 85 0.73 -19.90 -13.52
CA ALA A 85 1.62 -20.41 -14.58
C ALA A 85 1.85 -19.36 -15.67
N TYR A 86 3.11 -19.07 -15.98
CA TYR A 86 3.42 -18.10 -17.02
C TYR A 86 4.09 -18.78 -18.20
N ARG A 87 3.72 -18.36 -19.41
CA ARG A 87 4.27 -18.90 -20.64
C ARG A 87 5.38 -18.04 -21.18
N ARG A 88 6.39 -18.69 -21.74
CA ARG A 88 7.50 -18.03 -22.40
C ARG A 88 7.07 -17.63 -23.81
N ARG A 89 7.23 -16.36 -24.16
CA ARG A 89 6.86 -15.91 -25.48
C ARG A 89 8.02 -15.16 -26.14
N GLU A 90 8.38 -15.57 -27.34
CA GLU A 90 9.44 -14.91 -28.08
C GLU A 90 8.85 -13.79 -28.93
N LEU A 91 9.19 -12.56 -28.59
CA LEU A 91 8.71 -11.42 -29.36
C LEU A 91 9.85 -11.05 -30.31
N GLU A 92 9.66 -11.36 -31.59
CA GLU A 92 10.73 -11.14 -32.56
C GLU A 92 10.91 -9.65 -32.85
N ALA A 93 12.16 -9.20 -32.92
CA ALA A 93 12.45 -7.80 -33.23
C ALA A 93 11.69 -7.32 -34.47
N VAL A 94 11.32 -6.03 -34.46
CA VAL A 94 10.76 -5.38 -35.63
C VAL A 94 11.69 -4.21 -35.99
N ASP A 95 12.36 -4.29 -37.13
CA ASP A 95 13.43 -3.35 -37.47
C ASP A 95 13.04 -2.22 -38.44
N SER A 96 11.74 -1.98 -38.59
CA SER A 96 11.23 -0.91 -39.40
C SER A 96 11.68 0.42 -38.88
N ARG A 97 11.70 1.42 -39.74
CA ARG A 97 11.96 2.78 -39.32
C ARG A 97 10.72 3.35 -38.65
N LYS A 98 9.59 2.77 -38.93
CA LYS A 98 8.36 3.18 -38.30
C LYS A 98 8.27 2.69 -36.84
N LEU A 99 8.18 1.39 -36.68
CA LEU A 99 8.02 0.77 -35.40
C LEU A 99 9.28 0.05 -35.15
N LYS A 100 10.06 0.48 -34.20
CA LYS A 100 11.21 -0.28 -33.92
C LYS A 100 10.90 -1.00 -32.61
N LEU A 101 11.04 -2.29 -32.63
CA LEU A 101 10.79 -3.13 -31.46
C LEU A 101 11.99 -4.06 -31.32
N PRO A 102 12.62 -4.06 -30.14
CA PRO A 102 13.81 -4.90 -29.97
C PRO A 102 13.35 -6.33 -29.71
N ALA A 103 14.20 -7.32 -29.91
CA ALA A 103 13.82 -8.68 -29.53
C ALA A 103 13.48 -8.69 -28.04
N ALA A 104 12.50 -9.49 -27.65
CA ALA A 104 12.23 -9.65 -26.23
C ALA A 104 11.78 -11.06 -25.98
N ILE A 105 11.92 -11.48 -24.73
CA ILE A 105 11.28 -12.72 -24.29
C ILE A 105 10.40 -12.36 -23.11
N LYS A 106 9.10 -12.59 -23.28
CA LYS A 106 8.13 -12.19 -22.27
C LYS A 106 7.48 -13.41 -21.63
N TYR A 107 7.35 -13.36 -20.31
CA TYR A 107 6.62 -14.37 -19.55
C TYR A 107 5.30 -13.76 -19.09
N SER A 108 4.19 -14.30 -19.60
CA SER A 108 2.86 -13.78 -19.31
C SER A 108 1.81 -14.88 -19.40
N ARG A 109 0.66 -14.61 -18.79
CA ARG A 109 -0.44 -15.57 -18.78
C ARG A 109 -1.69 -14.83 -19.18
N GLY A 110 -2.71 -15.56 -19.61
CA GLY A 110 -4.01 -14.96 -19.84
C GLY A 110 -4.58 -14.49 -18.52
N ALA A 111 -5.30 -13.38 -18.54
CA ALA A 111 -5.89 -12.83 -17.33
C ALA A 111 -6.99 -13.76 -16.85
N LYS A 112 -7.13 -13.89 -15.52
CA LYS A 112 -8.20 -14.66 -14.92
C LYS A 112 -9.31 -13.71 -14.47
N VAL A 113 -10.49 -14.24 -14.19
CA VAL A 113 -11.60 -13.44 -13.65
C VAL A 113 -11.23 -12.75 -12.34
N SER A 114 -10.26 -13.31 -11.61
CA SER A 114 -9.88 -12.72 -10.34
C SER A 114 -8.80 -11.65 -10.44
N ASP A 115 -8.17 -11.51 -11.61
CA ASP A 115 -7.15 -10.48 -11.75
C ASP A 115 -7.82 -9.11 -11.84
N PRO A 116 -7.37 -8.15 -11.02
CA PRO A 116 -7.89 -6.79 -11.02
C PRO A 116 -7.46 -6.04 -12.29
N GLN A 117 -8.16 -4.95 -12.61
CA GLN A 117 -7.94 -4.25 -13.88
C GLN A 117 -6.51 -3.74 -14.04
N HIS A 118 -5.90 -3.29 -12.95
CA HIS A 118 -4.58 -2.68 -13.08
C HIS A 118 -3.47 -3.65 -13.50
N VAL A 119 -3.70 -4.96 -13.47
CA VAL A 119 -2.69 -5.91 -13.96
C VAL A 119 -3.01 -6.45 -15.36
N ARG A 120 -4.19 -6.12 -15.86
CA ARG A 120 -4.64 -6.62 -17.15
C ARG A 120 -4.13 -5.78 -18.31
N GLU A 121 -3.49 -6.40 -19.29
CA GLU A 121 -3.01 -5.69 -20.48
C GLU A 121 -3.88 -6.11 -21.67
N LYS A 122 -4.63 -5.17 -22.22
CA LYS A 122 -5.57 -5.51 -23.29
C LYS A 122 -4.82 -5.71 -24.60
N ALA A 123 -5.17 -6.78 -25.32
CA ALA A 123 -4.46 -7.15 -26.54
C ALA A 123 -5.45 -7.48 -27.66
N ASP A 124 -4.92 -7.95 -28.80
CA ASP A 124 -5.76 -8.36 -29.93
C ASP A 124 -6.80 -9.40 -29.55
N GLY A 125 -7.99 -9.31 -30.13
CA GLY A 125 -8.99 -10.37 -30.00
C GLY A 125 -9.66 -10.44 -28.64
N ASP A 126 -9.77 -9.28 -27.99
CA ASP A 126 -10.37 -9.17 -26.66
C ASP A 126 -9.68 -10.05 -25.62
N ILE A 127 -8.40 -10.34 -25.84
CA ILE A 127 -7.64 -11.08 -24.84
C ILE A 127 -6.93 -10.10 -23.90
N GLU A 128 -6.87 -10.44 -22.61
CA GLU A 128 -6.02 -9.68 -21.69
C GLU A 128 -4.90 -10.54 -21.15
N TYR A 129 -3.70 -9.97 -21.07
CA TYR A 129 -2.56 -10.69 -20.51
C TYR A 129 -2.12 -10.07 -19.18
N VAL A 130 -1.48 -10.88 -18.33
CA VAL A 130 -0.92 -10.45 -17.07
C VAL A 130 0.58 -10.79 -17.15
N SER A 131 1.44 -9.80 -16.92
CA SER A 131 2.88 -9.97 -17.15
C SER A 131 3.66 -10.35 -15.89
N LEU A 132 4.59 -11.27 -16.02
CA LEU A 132 5.49 -11.57 -14.91
C LEU A 132 6.83 -10.88 -15.16
N ALA A 133 7.37 -11.04 -16.37
CA ALA A 133 8.69 -10.50 -16.67
C ALA A 133 8.91 -10.37 -18.15
N ILE A 134 9.70 -9.37 -18.52
CA ILE A 134 10.18 -9.26 -19.88
C ILE A 134 11.71 -9.14 -19.90
N PHE A 135 12.33 -9.93 -20.76
CA PHE A 135 13.77 -9.90 -20.96
C PHE A 135 14.05 -9.20 -22.28
N ARG A 136 14.68 -8.02 -22.23
CA ARG A 136 14.98 -7.27 -23.45
C ARG A 136 16.03 -6.19 -23.18
N GLY A 137 16.82 -5.88 -24.21
CA GLY A 137 17.87 -4.88 -24.10
C GLY A 137 18.80 -5.10 -22.91
N GLY A 138 19.32 -4.01 -22.35
CA GLY A 138 20.14 -4.07 -21.16
C GLY A 138 21.50 -4.71 -21.39
N LYS A 139 22.23 -4.92 -20.29
CA LYS A 139 23.50 -5.65 -20.33
C LYS A 139 23.46 -6.74 -19.27
N ARG A 140 23.98 -7.92 -19.62
CA ARG A 140 23.99 -9.07 -18.71
C ARG A 140 24.47 -8.74 -17.29
N GLN A 141 23.69 -9.15 -16.29
CA GLN A 141 24.15 -9.05 -14.91
C GLN A 141 24.42 -10.45 -14.38
N GLU A 142 25.70 -10.77 -14.17
CA GLU A 142 26.10 -12.13 -13.79
C GLU A 142 25.38 -12.63 -12.54
N ARG A 143 25.08 -11.72 -11.61
CA ARG A 143 24.51 -12.12 -10.33
C ARG A 143 23.06 -12.57 -10.48
N TYR A 144 22.47 -12.31 -11.64
CA TYR A 144 21.10 -12.73 -11.92
C TYR A 144 21.05 -14.18 -12.38
N ALA A 145 22.15 -14.66 -12.96
CA ALA A 145 22.15 -16.04 -13.46
C ALA A 145 22.17 -17.09 -12.35
N VAL A 146 21.78 -18.32 -12.70
CA VAL A 146 21.86 -19.45 -11.78
C VAL A 146 23.34 -19.65 -11.41
N PRO A 147 23.66 -19.79 -10.11
CA PRO A 147 25.05 -19.87 -9.64
C PRO A 147 25.86 -21.01 -10.25
N MET B 5 16.57 -14.76 14.01
CA MET B 5 15.32 -14.10 14.36
C MET B 5 14.53 -13.63 13.13
N LEU B 6 13.28 -14.05 13.06
CA LEU B 6 12.32 -13.53 12.08
C LEU B 6 11.29 -12.65 12.79
N GLN B 7 10.59 -11.85 12.01
CA GLN B 7 9.48 -11.05 12.49
C GLN B 7 8.31 -11.34 11.58
N ILE B 8 7.13 -11.50 12.16
CA ILE B 8 5.95 -11.68 11.36
C ILE B 8 4.91 -10.65 11.77
N GLU B 9 4.34 -9.99 10.76
CA GLU B 9 3.36 -8.95 10.99
C GLU B 9 1.96 -9.50 10.80
N PHE B 10 1.14 -9.32 11.83
CA PHE B 10 -0.23 -9.79 11.86
C PHE B 10 -1.21 -8.62 11.82
N ILE B 11 -2.41 -8.88 11.29
CA ILE B 11 -3.57 -8.06 11.56
C ILE B 11 -4.41 -8.80 12.61
N THR B 12 -4.63 -8.18 13.77
CA THR B 12 -5.29 -8.89 14.87
C THR B 12 -6.80 -8.99 14.68
N ASP B 13 -7.47 -9.61 15.63
CA ASP B 13 -8.93 -9.69 15.59
C ASP B 13 -9.57 -8.30 15.67
N LEU B 14 -8.81 -7.31 16.16
CA LEU B 14 -9.32 -5.94 16.24
C LEU B 14 -8.77 -5.08 15.10
N GLY B 15 -8.13 -5.74 14.13
CA GLY B 15 -7.60 -5.03 12.97
C GLY B 15 -6.25 -4.38 13.23
N ALA B 16 -5.75 -4.47 14.47
CA ALA B 16 -4.48 -3.84 14.81
C ALA B 16 -3.29 -4.46 14.05
N ARG B 17 -2.31 -3.64 13.67
CA ARG B 17 -1.10 -4.17 13.00
C ARG B 17 -0.01 -4.44 14.01
N VAL B 18 0.21 -5.72 14.29
CA VAL B 18 1.12 -6.13 15.35
C VAL B 18 2.21 -7.01 14.77
N THR B 19 3.45 -6.79 15.23
CA THR B 19 4.59 -7.57 14.76
C THR B 19 5.06 -8.46 15.88
N VAL B 20 5.23 -9.74 15.56
CA VAL B 20 5.68 -10.75 16.51
C VAL B 20 7.10 -11.21 16.17
N ASN B 21 7.96 -11.30 17.18
CA ASN B 21 9.31 -11.82 17.02
C ASN B 21 9.36 -13.34 17.17
N VAL B 22 10.06 -14.00 16.25
CA VAL B 22 10.13 -15.46 16.23
C VAL B 22 11.58 -15.88 16.33
N GLU B 23 11.92 -16.57 17.41
CA GLU B 23 13.31 -16.91 17.69
C GLU B 23 13.89 -17.83 16.64
N HIS B 24 13.12 -18.84 16.23
CA HIS B 24 13.62 -19.86 15.31
C HIS B 24 12.69 -20.11 14.12
N GLU B 25 13.26 -20.06 12.92
CA GLU B 25 12.49 -20.21 11.68
C GLU B 25 11.64 -21.48 11.68
N SER B 26 12.17 -22.55 12.25
CA SER B 26 11.42 -23.79 12.38
C SER B 26 10.09 -23.60 13.14
N ARG B 27 10.01 -22.57 13.98
CA ARG B 27 8.76 -22.28 14.70
C ARG B 27 7.77 -21.41 13.93
N LEU B 28 8.19 -20.85 12.79
CA LEU B 28 7.35 -19.88 12.06
C LEU B 28 5.90 -20.33 11.93
N LEU B 29 5.69 -21.54 11.39
CA LEU B 29 4.34 -22.07 11.20
C LEU B 29 3.60 -22.28 12.52
N ASP B 30 4.32 -22.69 13.56
CA ASP B 30 3.68 -22.90 14.86
C ASP B 30 3.17 -21.58 15.41
N VAL B 31 3.93 -20.52 15.16
CA VAL B 31 3.53 -19.17 15.53
C VAL B 31 2.30 -18.70 14.74
N GLN B 32 2.23 -19.01 13.45
CA GLN B 32 1.05 -18.63 12.66
C GLN B 32 -0.17 -19.41 13.15
N ARG B 33 0.01 -20.69 13.49
CA ARG B 33 -1.08 -21.49 14.04
C ARG B 33 -1.59 -20.90 15.35
N HIS B 34 -0.64 -20.51 16.20
CA HIS B 34 -0.98 -20.03 17.52
C HIS B 34 -1.85 -18.80 17.46
N TYR B 35 -1.38 -17.78 16.74
CA TYR B 35 -2.14 -16.53 16.65
C TYR B 35 -3.35 -16.64 15.72
N GLY B 36 -3.24 -17.48 14.70
CA GLY B 36 -4.33 -17.72 13.78
C GLY B 36 -5.56 -18.26 14.48
N ARG B 37 -5.33 -19.03 15.54
CA ARG B 37 -6.42 -19.53 16.37
C ARG B 37 -7.17 -18.37 17.00
N LEU B 38 -6.48 -17.26 17.23
CA LEU B 38 -7.12 -16.08 17.81
C LEU B 38 -7.73 -15.23 16.70
N GLY B 39 -7.75 -15.76 15.48
CA GLY B 39 -8.27 -15.03 14.34
C GLY B 39 -7.35 -13.93 13.81
N TRP B 40 -6.08 -13.96 14.20
CA TRP B 40 -5.12 -13.03 13.59
C TRP B 40 -4.70 -13.55 12.23
N THR B 41 -4.50 -12.63 11.29
CA THR B 41 -4.09 -12.99 9.95
C THR B 41 -2.79 -12.29 9.61
N SER B 42 -2.10 -12.80 8.60
CA SER B 42 -0.88 -12.15 8.16
C SER B 42 -0.90 -12.01 6.66
N GLY B 43 -0.66 -10.80 6.18
CA GLY B 43 -0.73 -10.52 4.75
C GLY B 43 -2.15 -10.49 4.24
N GLU B 44 -2.30 -10.49 2.93
CA GLU B 44 -3.61 -10.32 2.31
C GLU B 44 -4.05 -11.61 1.64
N ILE B 45 -5.36 -11.79 1.47
CA ILE B 45 -5.83 -12.90 0.62
C ILE B 45 -5.38 -12.58 -0.80
N PRO B 46 -4.63 -13.50 -1.42
CA PRO B 46 -4.18 -13.27 -2.81
C PRO B 46 -5.38 -13.20 -3.74
N SER B 47 -5.29 -12.42 -4.82
CA SER B 47 -6.41 -12.34 -5.78
C SER B 47 -6.75 -13.74 -6.26
N GLY B 48 -8.03 -14.07 -6.31
CA GLY B 48 -8.42 -15.43 -6.65
C GLY B 48 -8.48 -16.35 -5.44
N GLY B 49 -8.02 -15.87 -4.30
CA GLY B 49 -7.96 -16.67 -3.08
C GLY B 49 -6.62 -17.36 -2.97
N TYR B 50 -6.24 -17.83 -1.78
CA TYR B 50 -5.07 -18.68 -1.64
C TYR B 50 -5.14 -19.86 -2.62
N GLN B 51 -3.98 -20.33 -3.08
CA GLN B 51 -3.93 -21.51 -3.95
C GLN B 51 -3.14 -22.60 -3.29
N PHE B 52 -3.83 -23.67 -2.91
CA PHE B 52 -3.27 -24.81 -2.20
C PHE B 52 -3.46 -26.08 -3.04
N PRO B 53 -2.63 -27.11 -2.78
CA PRO B 53 -2.76 -28.37 -3.53
C PRO B 53 -4.09 -29.01 -3.17
N ILE B 54 -4.71 -29.75 -4.11
CA ILE B 54 -6.01 -30.33 -3.83
C ILE B 54 -5.91 -31.41 -2.74
N GLU B 55 -4.74 -32.05 -2.67
CA GLU B 55 -4.51 -33.09 -1.66
C GLU B 55 -4.32 -32.53 -0.24
N ASN B 56 -4.38 -31.21 -0.09
CA ASN B 56 -4.35 -30.60 1.25
C ASN B 56 -5.74 -30.21 1.76
N GLU B 57 -6.78 -30.32 0.92
CA GLU B 57 -8.10 -29.82 1.31
C GLU B 57 -8.75 -30.53 2.50
N ALA B 58 -8.68 -31.86 2.53
CA ALA B 58 -9.41 -32.63 3.54
C ALA B 58 -8.96 -32.38 4.98
N ASP B 59 -7.66 -32.17 5.19
CA ASP B 59 -7.16 -31.91 6.54
C ASP B 59 -6.35 -30.59 6.66
N PHE B 60 -6.73 -29.59 5.87
CA PHE B 60 -6.05 -28.30 5.92
C PHE B 60 -6.19 -27.60 7.27
N ASP B 61 -5.06 -27.12 7.81
CA ASP B 61 -5.09 -26.35 9.05
C ASP B 61 -5.44 -24.90 8.77
N TRP B 62 -6.73 -24.58 8.89
CA TRP B 62 -7.23 -23.23 8.61
C TRP B 62 -6.66 -22.16 9.53
N SER B 63 -6.16 -22.55 10.69
CA SER B 63 -5.58 -21.55 11.60
C SER B 63 -4.33 -20.91 10.99
N LEU B 64 -3.70 -21.58 10.04
CA LEU B 64 -2.52 -21.05 9.36
C LEU B 64 -2.82 -19.70 8.70
N ILE B 65 -4.06 -19.50 8.27
CA ILE B 65 -4.46 -18.24 7.64
C ILE B 65 -5.51 -17.51 8.48
N GLY B 66 -5.57 -17.87 9.77
CA GLY B 66 -6.42 -17.16 10.71
C GLY B 66 -7.89 -17.49 10.59
N ALA B 67 -8.17 -18.59 9.93
CA ALA B 67 -9.57 -18.99 9.72
C ALA B 67 -9.92 -20.18 10.61
N ARG B 68 -11.20 -20.49 10.73
CA ARG B 68 -11.64 -21.66 11.47
C ARG B 68 -12.89 -22.28 10.83
N LYS B 69 -13.06 -23.59 11.01
CA LYS B 69 -14.25 -24.26 10.51
C LYS B 69 -15.40 -24.01 11.47
N TRP B 70 -16.62 -23.91 10.94
CA TRP B 70 -17.78 -23.62 11.77
C TRP B 70 -19.06 -24.22 11.20
N GLU B 77 -21.62 -26.13 7.78
CA GLU B 77 -20.21 -26.46 7.51
C GLU B 77 -19.48 -25.35 6.71
N LEU B 78 -19.01 -24.32 7.42
CA LEU B 78 -18.44 -23.16 6.75
C LEU B 78 -17.03 -22.85 7.25
N VAL B 79 -16.30 -21.99 6.53
CA VAL B 79 -15.04 -21.46 7.01
C VAL B 79 -15.23 -19.98 7.35
N ILE B 80 -14.81 -19.59 8.56
CA ILE B 80 -14.92 -18.20 9.01
C ILE B 80 -13.54 -17.56 8.92
N HIS B 81 -13.44 -16.44 8.21
CA HIS B 81 -12.16 -15.73 8.06
C HIS B 81 -12.42 -14.23 8.08
N ARG B 82 -11.82 -13.55 9.06
CA ARG B 82 -11.99 -12.11 9.26
C ARG B 82 -13.47 -11.69 9.31
N GLY B 83 -14.28 -12.50 9.97
CA GLY B 83 -15.68 -12.17 10.18
C GLY B 83 -16.60 -12.52 9.02
N HIS B 84 -16.09 -13.15 7.98
CA HIS B 84 -16.93 -13.55 6.85
C HIS B 84 -17.04 -15.06 6.79
N ALA B 85 -18.22 -15.56 6.40
CA ALA B 85 -18.42 -17.00 6.23
C ALA B 85 -18.21 -17.40 4.76
N TYR B 86 -17.37 -18.41 4.54
CA TYR B 86 -17.12 -18.90 3.19
C TYR B 86 -17.65 -20.32 3.06
N ARG B 87 -18.18 -20.65 1.89
CA ARG B 87 -18.84 -21.93 1.71
C ARG B 87 -17.98 -22.86 0.87
N ARG B 88 -18.04 -24.16 1.12
CA ARG B 88 -17.22 -25.13 0.40
C ARG B 88 -17.88 -25.53 -0.92
N ARG B 89 -17.09 -25.55 -1.99
CA ARG B 89 -17.59 -25.65 -3.37
C ARG B 89 -16.84 -26.75 -4.14
N GLU B 90 -17.49 -27.91 -4.29
CA GLU B 90 -16.86 -29.01 -5.01
C GLU B 90 -17.01 -28.84 -6.50
N LEU B 91 -15.89 -28.59 -7.17
CA LEU B 91 -15.91 -28.34 -8.60
C LEU B 91 -15.36 -29.57 -9.33
N GLU B 92 -16.28 -30.43 -9.79
CA GLU B 92 -15.92 -31.66 -10.47
C GLU B 92 -15.07 -31.40 -11.71
N ALA B 93 -14.11 -32.29 -11.97
CA ALA B 93 -13.28 -32.17 -13.17
C ALA B 93 -14.13 -32.44 -14.42
N VAL B 94 -13.71 -31.91 -15.55
CA VAL B 94 -14.42 -32.16 -16.80
C VAL B 94 -13.46 -32.51 -17.95
N ASP B 95 -13.93 -33.39 -18.85
CA ASP B 95 -13.18 -33.80 -20.03
C ASP B 95 -14.10 -33.98 -21.22
N LEU B 99 -13.94 -27.20 -21.38
CA LEU B 99 -13.95 -28.55 -21.95
C LEU B 99 -12.97 -29.46 -21.22
N LYS B 100 -11.88 -28.88 -20.72
CA LYS B 100 -10.90 -29.63 -19.92
C LYS B 100 -10.55 -28.89 -18.63
N LEU B 101 -11.24 -29.24 -17.54
CA LEU B 101 -11.02 -28.59 -16.26
C LEU B 101 -10.60 -29.60 -15.19
N PRO B 102 -9.58 -29.25 -14.39
CA PRO B 102 -9.13 -30.18 -13.35
C PRO B 102 -10.13 -30.14 -12.22
N ALA B 103 -10.16 -31.15 -11.37
CA ALA B 103 -10.97 -31.09 -10.17
C ALA B 103 -10.46 -29.92 -9.30
N ALA B 104 -11.34 -29.38 -8.46
CA ALA B 104 -10.97 -28.30 -7.56
C ALA B 104 -12.01 -28.15 -6.46
N ILE B 105 -11.55 -27.69 -5.30
CA ILE B 105 -12.46 -27.41 -4.20
C ILE B 105 -12.28 -25.94 -3.81
N LYS B 106 -13.34 -25.16 -3.93
CA LYS B 106 -13.24 -23.74 -3.78
C LYS B 106 -13.98 -23.31 -2.53
N TYR B 107 -13.43 -22.31 -1.84
CA TYR B 107 -14.10 -21.66 -0.72
C TYR B 107 -14.33 -20.20 -1.07
N SER B 108 -15.60 -19.82 -1.16
CA SER B 108 -15.96 -18.47 -1.56
C SER B 108 -17.32 -18.12 -1.00
N ARG B 109 -17.65 -16.83 -1.00
CA ARG B 109 -18.93 -16.33 -0.50
C ARG B 109 -19.44 -15.36 -1.57
N GLY B 110 -20.72 -15.00 -1.48
CA GLY B 110 -21.25 -13.95 -2.34
C GLY B 110 -20.73 -12.60 -1.91
N ALA B 111 -20.54 -11.71 -2.88
CA ALA B 111 -20.04 -10.36 -2.61
C ALA B 111 -21.06 -9.56 -1.79
N LYS B 112 -20.57 -8.76 -0.85
CA LYS B 112 -21.44 -7.87 -0.07
C LYS B 112 -21.37 -6.48 -0.71
N VAL B 113 -22.32 -5.62 -0.38
CA VAL B 113 -22.31 -4.27 -0.95
C VAL B 113 -21.05 -3.50 -0.54
N SER B 114 -20.40 -3.92 0.52
CA SER B 114 -19.19 -3.25 0.97
C SER B 114 -17.92 -3.81 0.33
N ASP B 115 -18.04 -4.92 -0.41
CA ASP B 115 -16.85 -5.49 -1.04
C ASP B 115 -16.39 -4.60 -2.20
N PRO B 116 -15.09 -4.25 -2.20
CA PRO B 116 -14.53 -3.42 -3.28
C PRO B 116 -14.44 -4.17 -4.61
N GLN B 117 -14.41 -3.42 -5.70
CA GLN B 117 -14.50 -4.00 -7.04
C GLN B 117 -13.43 -5.07 -7.29
N HIS B 118 -12.22 -4.84 -6.80
CA HIS B 118 -11.13 -5.72 -7.17
C HIS B 118 -11.23 -7.12 -6.56
N VAL B 119 -12.07 -7.31 -5.53
CA VAL B 119 -12.22 -8.70 -5.01
C VAL B 119 -13.43 -9.44 -5.59
N ARG B 120 -14.22 -8.76 -6.42
CA ARG B 120 -15.43 -9.39 -6.95
C ARG B 120 -15.19 -10.20 -8.20
N GLU B 121 -15.72 -11.41 -8.24
CA GLU B 121 -15.61 -12.25 -9.43
C GLU B 121 -16.98 -12.40 -10.03
N LYS B 122 -17.15 -11.89 -11.24
CA LYS B 122 -18.45 -11.88 -11.90
C LYS B 122 -18.80 -13.28 -12.37
N ALA B 123 -20.04 -13.68 -12.12
CA ALA B 123 -20.49 -15.04 -12.43
C ALA B 123 -21.89 -15.05 -13.04
N ASP B 124 -22.37 -16.25 -13.39
CA ASP B 124 -23.68 -16.40 -14.02
C ASP B 124 -24.82 -15.80 -13.19
N GLY B 125 -25.77 -15.17 -13.87
CA GLY B 125 -26.95 -14.66 -13.19
C GLY B 125 -26.73 -13.37 -12.43
N ASP B 126 -25.73 -12.59 -12.86
CA ASP B 126 -25.34 -11.36 -12.17
C ASP B 126 -24.94 -11.58 -10.70
N ILE B 127 -24.45 -12.76 -10.38
CA ILE B 127 -23.91 -12.96 -9.05
C ILE B 127 -22.39 -12.76 -9.07
N GLU B 128 -21.88 -12.12 -8.01
CA GLU B 128 -20.43 -11.94 -7.84
C GLU B 128 -19.96 -12.67 -6.59
N TYR B 129 -18.84 -13.39 -6.72
CA TYR B 129 -18.26 -14.15 -5.63
C TYR B 129 -16.94 -13.54 -5.12
N VAL B 130 -16.66 -13.74 -3.85
CA VAL B 130 -15.40 -13.35 -3.27
C VAL B 130 -14.74 -14.62 -2.78
N SER B 131 -13.50 -14.82 -3.19
CA SER B 131 -12.80 -16.07 -2.98
C SER B 131 -11.82 -16.03 -1.79
N LEU B 132 -11.84 -17.07 -0.96
CA LEU B 132 -10.86 -17.20 0.11
C LEU B 132 -9.71 -18.13 -0.32
N ALA B 133 -10.05 -19.25 -0.93
CA ALA B 133 -9.05 -20.27 -1.22
C ALA B 133 -9.56 -21.22 -2.29
N ILE B 134 -8.63 -21.76 -3.07
CA ILE B 134 -8.97 -22.87 -3.95
C ILE B 134 -7.94 -23.99 -3.82
N PHE B 135 -8.43 -25.21 -3.63
CA PHE B 135 -7.57 -26.37 -3.54
C PHE B 135 -7.59 -27.08 -4.89
N ARG B 136 -6.49 -26.96 -5.62
CA ARG B 136 -6.43 -27.44 -7.00
C ARG B 136 -5.02 -27.88 -7.37
N GLY B 137 -4.91 -29.08 -7.94
CA GLY B 137 -3.66 -29.59 -8.46
C GLY B 137 -2.57 -29.69 -7.42
N GLY B 138 -1.36 -29.26 -7.80
CA GLY B 138 -0.21 -29.21 -6.90
C GLY B 138 0.20 -30.56 -6.33
N LYS B 139 1.05 -30.50 -5.31
CA LYS B 139 1.48 -31.71 -4.60
C LYS B 139 1.29 -31.44 -3.12
N ARG B 140 0.75 -32.43 -2.40
CA ARG B 140 0.45 -32.25 -0.98
C ARG B 140 1.65 -31.78 -0.16
N GLN B 141 1.46 -30.71 0.59
CA GLN B 141 2.49 -30.18 1.47
C GLN B 141 2.06 -30.56 2.88
N GLU B 142 2.84 -31.42 3.53
CA GLU B 142 2.43 -31.99 4.82
C GLU B 142 2.29 -30.96 5.94
N ARG B 143 3.14 -29.94 5.92
CA ARG B 143 3.10 -28.89 6.92
C ARG B 143 1.81 -28.05 6.87
N TYR B 144 1.06 -28.12 5.77
CA TYR B 144 -0.18 -27.34 5.67
C TYR B 144 -1.32 -28.01 6.46
N ALA B 145 -1.08 -29.25 6.89
CA ALA B 145 -2.12 -30.04 7.51
C ALA B 145 -2.22 -29.79 9.01
N VAL B 146 -3.39 -30.05 9.58
CA VAL B 146 -3.51 -30.04 11.05
C VAL B 146 -2.55 -31.10 11.59
N PRO B 147 -1.63 -30.70 12.46
CA PRO B 147 -0.56 -31.61 12.90
C PRO B 147 -1.13 -32.74 13.76
N THR C 4 8.12 -11.66 25.97
CA THR C 4 7.91 -11.82 24.53
C THR C 4 7.42 -10.51 23.92
N MET C 5 8.34 -9.71 23.42
CA MET C 5 8.01 -8.36 22.95
C MET C 5 7.20 -8.32 21.66
N LEU C 6 6.26 -7.38 21.61
CA LEU C 6 5.45 -7.16 20.42
C LEU C 6 5.61 -5.72 20.01
N GLN C 7 5.34 -5.45 18.74
CA GLN C 7 5.24 -4.08 18.26
C GLN C 7 3.86 -3.87 17.68
N ILE C 8 3.34 -2.66 17.88
CA ILE C 8 2.10 -2.30 17.25
C ILE C 8 2.33 -0.98 16.50
N GLU C 9 1.79 -0.90 15.29
CA GLU C 9 1.94 0.29 14.47
C GLU C 9 0.66 1.12 14.54
N PHE C 10 0.80 2.41 14.85
CA PHE C 10 -0.35 3.31 14.96
C PHE C 10 -0.32 4.41 13.91
N ILE C 11 -1.51 4.96 13.63
CA ILE C 11 -1.66 6.25 12.97
C ILE C 11 -2.11 7.20 14.07
N THR C 12 -1.33 8.25 14.32
CA THR C 12 -1.64 9.14 15.44
C THR C 12 -2.76 10.10 15.07
N ASP C 13 -3.13 10.95 16.03
CA ASP C 13 -4.18 11.93 15.77
C ASP C 13 -3.76 12.88 14.65
N LEU C 14 -2.46 12.97 14.40
CA LEU C 14 -1.96 13.81 13.32
C LEU C 14 -1.69 13.03 12.03
N GLY C 15 -2.03 11.76 12.03
CA GLY C 15 -1.78 10.91 10.91
C GLY C 15 -0.42 10.25 10.75
N ALA C 16 0.51 10.58 11.64
CA ALA C 16 1.85 10.07 11.65
C ALA C 16 1.88 8.56 11.91
N ARG C 17 2.70 7.86 11.17
CA ARG C 17 2.94 6.45 11.38
C ARG C 17 4.02 6.12 12.38
N VAL C 18 3.57 5.67 13.53
CA VAL C 18 4.41 5.40 14.67
C VAL C 18 4.32 3.96 15.18
N THR C 19 5.47 3.41 15.52
CA THR C 19 5.51 2.06 16.07
C THR C 19 5.86 2.13 17.56
N VAL C 20 5.17 1.32 18.36
CA VAL C 20 5.33 1.28 19.82
C VAL C 20 5.72 -0.15 20.23
N ASN C 21 6.55 -0.31 21.26
CA ASN C 21 6.89 -1.66 21.76
C ASN C 21 6.00 -2.07 22.92
N VAL C 22 5.68 -3.36 23.00
CA VAL C 22 4.84 -3.87 24.05
C VAL C 22 5.58 -5.02 24.71
N GLU C 23 5.66 -5.00 26.04
CA GLU C 23 6.45 -5.98 26.78
C GLU C 23 5.97 -7.42 26.58
N HIS C 24 4.66 -7.61 26.57
CA HIS C 24 4.09 -8.94 26.50
C HIS C 24 2.69 -8.88 25.89
N GLU C 25 2.29 -9.94 25.20
CA GLU C 25 1.01 -9.96 24.49
C GLU C 25 -0.19 -9.69 25.39
N SER C 26 -0.07 -10.01 26.67
CA SER C 26 -1.19 -9.86 27.60
C SER C 26 -1.48 -8.40 27.91
N ARG C 27 -0.59 -7.51 27.46
CA ARG C 27 -0.74 -6.08 27.70
C ARG C 27 -1.21 -5.36 26.44
N LEU C 28 -1.28 -6.10 25.34
CA LEU C 28 -1.60 -5.54 24.03
C LEU C 28 -2.85 -4.66 24.02
N LEU C 29 -3.93 -5.16 24.60
CA LEU C 29 -5.19 -4.44 24.59
C LEU C 29 -5.13 -3.19 25.47
N ASP C 30 -4.36 -3.27 26.54
CA ASP C 30 -4.15 -2.13 27.42
C ASP C 30 -3.42 -1.02 26.67
N VAL C 31 -2.45 -1.41 25.84
CA VAL C 31 -1.71 -0.44 25.03
C VAL C 31 -2.60 0.09 23.91
N GLN C 32 -3.46 -0.77 23.38
CA GLN C 32 -4.42 -0.30 22.41
C GLN C 32 -5.35 0.75 23.01
N ARG C 33 -5.84 0.50 24.22
CA ARG C 33 -6.75 1.47 24.84
C ARG C 33 -6.06 2.77 25.16
N HIS C 34 -4.85 2.69 25.72
CA HIS C 34 -4.08 3.87 26.09
C HIS C 34 -3.96 4.80 24.89
N TYR C 35 -3.42 4.29 23.79
CA TYR C 35 -3.23 5.14 22.61
C TYR C 35 -4.55 5.43 21.91
N GLY C 36 -5.47 4.49 21.94
CA GLY C 36 -6.80 4.71 21.40
C GLY C 36 -7.50 5.92 22.01
N ARG C 37 -7.34 6.10 23.32
CA ARG C 37 -7.89 7.25 24.04
C ARG C 37 -7.39 8.57 23.51
N LEU C 38 -6.21 8.58 22.89
CA LEU C 38 -5.67 9.81 22.27
C LEU C 38 -6.10 9.94 20.81
N GLY C 39 -6.96 9.03 20.35
CA GLY C 39 -7.40 9.05 18.95
C GLY C 39 -6.45 8.34 17.98
N TRP C 40 -5.49 7.60 18.51
CA TRP C 40 -4.61 6.84 17.63
C TRP C 40 -5.33 5.56 17.20
N THR C 41 -5.13 5.17 15.95
CA THR C 41 -5.75 3.95 15.46
C THR C 41 -4.68 3.04 14.92
N SER C 42 -4.98 1.75 14.87
CA SER C 42 -4.04 0.76 14.37
C SER C 42 -4.76 -0.06 13.32
N GLY C 43 -4.19 -0.10 12.12
CA GLY C 43 -4.85 -0.78 11.02
C GLY C 43 -5.93 0.06 10.38
N GLU C 44 -6.66 -0.56 9.46
CA GLU C 44 -7.69 0.12 8.71
C GLU C 44 -9.05 -0.37 9.17
N ILE C 45 -10.09 0.45 8.99
CA ILE C 45 -11.46 -0.04 9.12
C ILE C 45 -11.66 -1.09 8.03
N PRO C 46 -11.97 -2.33 8.42
CA PRO C 46 -12.21 -3.34 7.37
C PRO C 46 -13.41 -2.96 6.50
N SER C 47 -13.44 -3.48 5.28
CA SER C 47 -14.54 -3.21 4.37
C SER C 47 -15.85 -3.68 5.02
N GLY C 48 -16.88 -2.84 4.97
CA GLY C 48 -18.12 -3.20 5.62
C GLY C 48 -18.14 -2.74 7.06
N GLY C 49 -16.96 -2.38 7.58
CA GLY C 49 -16.82 -1.99 8.97
C GLY C 49 -16.29 -3.13 9.82
N TYR C 50 -15.88 -2.85 11.06
CA TYR C 50 -15.51 -3.95 11.96
C TYR C 50 -16.73 -4.83 12.20
N GLN C 51 -16.51 -6.15 12.27
CA GLN C 51 -17.59 -7.09 12.55
C GLN C 51 -17.42 -7.59 13.97
N PHE C 52 -18.31 -7.17 14.87
CA PHE C 52 -18.22 -7.56 16.28
C PHE C 52 -19.47 -8.31 16.68
N PRO C 53 -19.37 -9.15 17.73
CA PRO C 53 -20.55 -9.87 18.25
C PRO C 53 -21.58 -8.91 18.82
N ILE C 54 -22.87 -9.16 18.55
CA ILE C 54 -23.94 -8.25 18.99
C ILE C 54 -23.99 -8.06 20.50
N GLU C 55 -23.63 -9.10 21.25
CA GLU C 55 -23.68 -9.02 22.71
C GLU C 55 -22.48 -8.27 23.29
N ASN C 56 -21.65 -7.72 22.40
CA ASN C 56 -20.57 -6.82 22.81
C ASN C 56 -20.93 -5.34 22.60
N GLU C 57 -22.02 -5.07 21.90
CA GLU C 57 -22.40 -3.67 21.58
C GLU C 57 -22.66 -2.74 22.77
N ALA C 58 -23.40 -3.21 23.77
CA ALA C 58 -23.84 -2.33 24.86
C ALA C 58 -22.70 -1.69 25.66
N ASP C 59 -21.61 -2.43 25.84
CA ASP C 59 -20.52 -1.96 26.69
C ASP C 59 -19.17 -2.02 25.95
N PHE C 60 -19.22 -2.00 24.63
CA PHE C 60 -18.00 -2.07 23.83
C PHE C 60 -17.01 -0.95 24.17
N ASP C 61 -15.75 -1.32 24.38
CA ASP C 61 -14.72 -0.31 24.60
C ASP C 61 -14.28 0.30 23.27
N TRP C 62 -14.88 1.43 22.90
CA TRP C 62 -14.57 2.09 21.65
C TRP C 62 -13.13 2.55 21.54
N SER C 63 -12.45 2.73 22.67
CA SER C 63 -11.07 3.19 22.61
C SER C 63 -10.18 2.13 21.94
N LEU C 64 -10.66 0.89 21.91
CA LEU C 64 -9.89 -0.18 21.27
C LEU C 64 -9.61 0.11 19.80
N ILE C 65 -10.48 0.88 19.16
CA ILE C 65 -10.27 1.22 17.75
C ILE C 65 -10.06 2.73 17.57
N GLY C 66 -9.68 3.41 18.65
CA GLY C 66 -9.37 4.83 18.56
C GLY C 66 -10.60 5.72 18.54
N ALA C 67 -11.75 5.16 18.92
CA ALA C 67 -13.02 5.85 18.82
C ALA C 67 -13.52 6.30 20.20
N ARG C 68 -14.49 7.21 20.21
CA ARG C 68 -15.11 7.68 21.45
C ARG C 68 -16.60 8.02 21.27
N LYS C 69 -17.38 7.76 22.33
CA LYS C 69 -18.81 8.07 22.32
C LYS C 69 -19.01 9.57 22.56
N TRP C 70 -20.15 10.10 22.10
CA TRP C 70 -20.39 11.54 22.21
C TRP C 70 -21.87 11.85 22.02
N GLU C 77 -25.89 10.79 21.01
CA GLU C 77 -25.39 9.41 21.14
C GLU C 77 -24.61 8.93 19.91
N LEU C 78 -23.41 9.44 19.71
CA LEU C 78 -22.66 9.20 18.48
C LEU C 78 -21.26 8.66 18.77
N VAL C 79 -20.70 7.95 17.78
CA VAL C 79 -19.30 7.56 17.87
C VAL C 79 -18.40 8.39 16.94
N ILE C 80 -17.36 8.98 17.54
CA ILE C 80 -16.40 9.80 16.82
C ILE C 80 -15.17 8.96 16.52
N HIS C 81 -14.75 8.93 15.26
CA HIS C 81 -13.59 8.13 14.86
C HIS C 81 -12.88 8.83 13.73
N ARG C 82 -11.60 9.13 13.95
CA ARG C 82 -10.77 9.85 12.98
C ARG C 82 -11.47 11.07 12.40
N GLY C 83 -12.03 11.89 13.28
CA GLY C 83 -12.65 13.15 12.87
C GLY C 83 -14.05 13.02 12.30
N HIS C 84 -14.60 11.81 12.28
CA HIS C 84 -15.95 11.60 11.73
C HIS C 84 -16.93 11.11 12.78
N ALA C 85 -18.20 11.48 12.59
CA ALA C 85 -19.25 11.08 13.50
C ALA C 85 -20.11 10.01 12.85
N TYR C 86 -20.34 8.92 13.60
CA TYR C 86 -21.13 7.80 13.12
C TYR C 86 -22.40 7.66 13.98
N ARG C 87 -23.54 7.39 13.36
CA ARG C 87 -24.77 7.15 14.12
C ARG C 87 -25.03 5.68 14.40
N ARG C 88 -25.65 5.42 15.55
CA ARG C 88 -26.10 4.10 15.93
C ARG C 88 -27.39 3.79 15.15
N ARG C 89 -27.44 2.61 14.54
CA ARG C 89 -28.63 2.21 13.81
C ARG C 89 -29.06 0.80 14.20
N GLU C 90 -30.27 0.72 14.74
CA GLU C 90 -30.83 -0.55 15.19
C GLU C 90 -31.56 -1.23 14.07
N LEU C 91 -31.04 -2.37 13.65
CA LEU C 91 -31.63 -3.13 12.55
C LEU C 91 -32.32 -4.37 13.09
N GLU C 92 -33.64 -4.28 13.23
CA GLU C 92 -34.43 -5.38 13.77
C GLU C 92 -34.32 -6.61 12.88
N ALA C 93 -34.19 -7.77 13.51
CA ALA C 93 -34.20 -9.05 12.81
C ALA C 93 -35.49 -9.23 12.00
N VAL C 94 -35.39 -10.00 10.91
CA VAL C 94 -36.54 -10.33 10.07
C VAL C 94 -36.56 -11.84 9.87
N ASP C 95 -37.74 -12.45 9.96
CA ASP C 95 -37.87 -13.90 9.77
C ASP C 95 -39.19 -14.27 9.12
N LYS C 100 -35.16 -13.60 5.85
CA LYS C 100 -34.46 -13.87 7.11
C LYS C 100 -33.17 -13.05 7.27
N LEU C 101 -33.20 -12.10 8.20
CA LEU C 101 -32.03 -11.30 8.57
C LEU C 101 -31.89 -11.30 10.10
N PRO C 102 -30.65 -11.42 10.60
CA PRO C 102 -30.47 -11.42 12.05
C PRO C 102 -30.52 -9.99 12.55
N ALA C 103 -30.70 -9.78 13.85
CA ALA C 103 -30.64 -8.44 14.41
C ALA C 103 -29.22 -7.90 14.21
N ALA C 104 -29.09 -6.58 14.28
CA ALA C 104 -27.77 -5.97 14.07
C ALA C 104 -27.80 -4.57 14.59
N ILE C 105 -26.67 -4.14 15.16
CA ILE C 105 -26.52 -2.74 15.51
C ILE C 105 -25.37 -2.17 14.69
N LYS C 106 -25.70 -1.18 13.85
CA LYS C 106 -24.73 -0.64 12.91
C LYS C 106 -24.39 0.81 13.23
N TYR C 107 -23.12 1.14 13.08
CA TYR C 107 -22.60 2.50 13.19
C TYR C 107 -22.08 2.92 11.82
N SER C 108 -22.69 3.95 11.25
CA SER C 108 -22.40 4.38 9.88
C SER C 108 -22.74 5.85 9.74
N ARG C 109 -22.16 6.48 8.74
CA ARG C 109 -22.41 7.89 8.48
C ARG C 109 -22.75 8.05 7.02
N GLY C 110 -23.39 9.16 6.66
CA GLY C 110 -23.56 9.49 5.25
C GLY C 110 -22.21 9.74 4.62
N ALA C 111 -22.05 9.30 3.37
CA ALA C 111 -20.85 9.59 2.59
C ALA C 111 -20.66 11.10 2.37
N LYS C 112 -19.39 11.52 2.39
CA LYS C 112 -19.00 12.89 2.09
C LYS C 112 -18.43 12.94 0.68
N VAL C 113 -18.36 14.13 0.10
CA VAL C 113 -17.85 14.28 -1.27
C VAL C 113 -16.41 13.78 -1.36
N SER C 114 -15.71 13.80 -0.24
CA SER C 114 -14.32 13.37 -0.21
C SER C 114 -14.15 11.85 0.00
N ASP C 115 -15.22 11.14 0.37
CA ASP C 115 -15.09 9.70 0.58
C ASP C 115 -14.84 8.99 -0.74
N PRO C 116 -13.79 8.16 -0.78
CA PRO C 116 -13.46 7.38 -1.97
C PRO C 116 -14.53 6.31 -2.24
N GLN C 117 -14.67 5.92 -3.51
CA GLN C 117 -15.71 5.00 -3.93
C GLN C 117 -15.72 3.69 -3.15
N HIS C 118 -14.55 3.15 -2.84
CA HIS C 118 -14.49 1.81 -2.26
C HIS C 118 -15.08 1.71 -0.85
N VAL C 119 -15.23 2.82 -0.15
CA VAL C 119 -15.92 2.79 1.15
C VAL C 119 -17.41 3.15 1.10
N ARG C 120 -17.91 3.57 -0.05
CA ARG C 120 -19.31 4.01 -0.15
C ARG C 120 -20.28 2.86 -0.40
N GLU C 121 -21.26 2.70 0.49
CA GLU C 121 -22.30 1.69 0.32
C GLU C 121 -23.59 2.34 -0.18
N LYS C 122 -23.97 1.99 -1.39
CA LYS C 122 -25.14 2.55 -2.03
C LYS C 122 -26.40 2.02 -1.38
N ALA C 123 -27.34 2.92 -1.11
CA ALA C 123 -28.59 2.59 -0.43
C ALA C 123 -29.77 3.16 -1.17
N ASP C 124 -30.98 2.97 -0.63
CA ASP C 124 -32.19 3.59 -1.19
C ASP C 124 -32.08 5.11 -1.26
N GLY C 125 -32.57 5.71 -2.34
CA GLY C 125 -32.70 7.15 -2.43
C GLY C 125 -31.43 7.90 -2.82
N ASP C 126 -30.53 7.22 -3.52
CA ASP C 126 -29.24 7.80 -3.88
C ASP C 126 -28.45 8.25 -2.66
N ILE C 127 -28.69 7.62 -1.53
CA ILE C 127 -27.87 7.86 -0.36
C ILE C 127 -26.76 6.80 -0.25
N GLU C 128 -25.55 7.25 0.05
CA GLU C 128 -24.45 6.33 0.28
C GLU C 128 -23.97 6.40 1.73
N TYR C 129 -23.75 5.24 2.34
CA TYR C 129 -23.28 5.14 3.72
C TYR C 129 -21.84 4.65 3.79
N VAL C 130 -21.15 5.04 4.86
CA VAL C 130 -19.78 4.57 5.16
C VAL C 130 -19.86 3.92 6.52
N SER C 131 -19.43 2.66 6.62
CA SER C 131 -19.60 1.91 7.86
C SER C 131 -18.37 1.96 8.75
N LEU C 132 -18.57 2.14 10.04
CA LEU C 132 -17.49 2.01 10.99
C LEU C 132 -17.48 0.59 11.54
N ALA C 133 -18.67 0.10 11.87
CA ALA C 133 -18.77 -1.18 12.58
C ALA C 133 -20.17 -1.76 12.51
N ILE C 134 -20.26 -3.08 12.54
CA ILE C 134 -21.55 -3.73 12.77
C ILE C 134 -21.46 -4.79 13.85
N PHE C 135 -22.34 -4.68 14.84
CA PHE C 135 -22.44 -5.68 15.89
C PHE C 135 -23.55 -6.63 15.50
N ARG C 136 -23.17 -7.88 15.25
CA ARG C 136 -24.08 -8.87 14.68
C ARG C 136 -23.63 -10.30 14.99
N GLY C 137 -24.55 -11.13 15.50
CA GLY C 137 -24.26 -12.53 15.75
C GLY C 137 -23.09 -12.74 16.67
N GLY C 138 -22.30 -13.78 16.40
CA GLY C 138 -21.09 -14.06 17.13
C GLY C 138 -21.27 -14.40 18.61
N LYS C 139 -20.16 -14.57 19.30
CA LYS C 139 -20.15 -14.83 20.74
C LYS C 139 -19.43 -13.68 21.47
N ARG C 140 -20.04 -13.21 22.56
CA ARG C 140 -19.48 -12.08 23.30
C ARG C 140 -18.03 -12.33 23.76
N GLN C 141 -17.18 -11.33 23.56
CA GLN C 141 -15.80 -11.37 24.03
C GLN C 141 -15.63 -10.40 25.17
N GLU C 142 -15.41 -10.91 26.38
CA GLU C 142 -15.29 -10.04 27.56
C GLU C 142 -14.21 -8.97 27.41
N ARG C 143 -13.09 -9.34 26.79
CA ARG C 143 -12.00 -8.39 26.64
C ARG C 143 -12.35 -7.18 25.75
N TYR C 144 -13.43 -7.26 24.97
CA TYR C 144 -13.85 -6.13 24.14
C TYR C 144 -14.63 -5.07 24.93
N ALA C 145 -15.08 -5.41 26.13
CA ALA C 145 -15.89 -4.46 26.90
C ALA C 145 -15.05 -3.44 27.67
N VAL C 146 -15.66 -2.30 28.00
CA VAL C 146 -15.02 -1.32 28.87
C VAL C 146 -14.70 -2.02 30.19
N PRO C 147 -13.48 -1.82 30.70
CA PRO C 147 -13.00 -2.49 31.93
C PRO C 147 -13.82 -2.10 33.16
N PHE D 3 10.45 0.44 25.75
CA PHE D 3 9.04 0.59 26.11
C PHE D 3 8.65 2.04 26.32
N THR D 4 9.63 2.93 26.20
CA THR D 4 9.34 4.37 26.12
C THR D 4 9.74 4.83 24.72
N MET D 5 10.46 3.96 24.02
CA MET D 5 10.94 4.26 22.68
C MET D 5 9.82 4.22 21.65
N LEU D 6 10.07 4.86 20.52
CA LEU D 6 9.06 5.03 19.49
C LEU D 6 9.79 5.17 18.18
N GLN D 7 9.21 4.66 17.10
CA GLN D 7 9.73 4.93 15.77
C GLN D 7 8.67 5.66 15.00
N ILE D 8 9.11 6.63 14.19
CA ILE D 8 8.18 7.30 13.32
C ILE D 8 8.69 7.19 11.91
N GLU D 9 7.79 6.86 10.99
CA GLU D 9 8.15 6.67 9.60
C GLU D 9 7.79 7.91 8.78
N PHE D 10 8.79 8.47 8.11
CA PHE D 10 8.62 9.69 7.32
C PHE D 10 8.81 9.39 5.84
N ILE D 11 8.20 10.24 5.02
CA ILE D 11 8.54 10.36 3.61
C ILE D 11 9.38 11.63 3.54
N THR D 12 10.62 11.55 3.08
CA THR D 12 11.49 12.74 3.11
C THR D 12 11.15 13.72 2.00
N ASP D 13 11.90 14.82 1.94
CA ASP D 13 11.73 15.81 0.90
C ASP D 13 12.01 15.19 -0.47
N LEU D 14 12.80 14.12 -0.49
CA LEU D 14 13.09 13.44 -1.76
C LEU D 14 12.23 12.21 -1.97
N GLY D 15 11.20 12.05 -1.13
CA GLY D 15 10.25 10.97 -1.32
C GLY D 15 10.66 9.68 -0.64
N ALA D 16 11.81 9.69 0.02
CA ALA D 16 12.36 8.47 0.57
C ALA D 16 11.61 8.05 1.84
N ARG D 17 11.50 6.75 2.06
CA ARG D 17 10.82 6.21 3.24
C ARG D 17 11.81 5.95 4.36
N VAL D 18 11.84 6.83 5.34
CA VAL D 18 12.86 6.80 6.38
C VAL D 18 12.24 6.71 7.77
N THR D 19 12.82 5.84 8.60
CA THR D 19 12.32 5.67 9.95
C THR D 19 13.24 6.36 10.94
N VAL D 20 12.66 7.11 11.85
CA VAL D 20 13.44 7.82 12.85
C VAL D 20 13.13 7.24 14.21
N ASN D 21 14.16 6.99 14.99
CA ASN D 21 13.98 6.47 16.35
C ASN D 21 13.89 7.60 17.35
N VAL D 22 12.86 7.53 18.18
CA VAL D 22 12.62 8.52 19.22
C VAL D 22 12.82 7.85 20.57
N GLU D 23 13.85 8.27 21.31
CA GLU D 23 14.17 7.64 22.58
C GLU D 23 13.06 7.86 23.61
N HIS D 24 12.54 9.08 23.65
CA HIS D 24 11.46 9.42 24.58
C HIS D 24 10.16 9.79 23.87
N GLU D 25 9.14 8.95 24.07
CA GLU D 25 7.78 9.17 23.58
C GLU D 25 7.30 10.62 23.56
N SER D 26 7.52 11.33 24.67
CA SER D 26 6.98 12.67 24.86
C SER D 26 7.59 13.70 23.93
N ARG D 27 8.66 13.32 23.23
CA ARG D 27 9.34 14.22 22.31
C ARG D 27 8.81 14.06 20.90
N LEU D 28 7.81 13.20 20.73
CA LEU D 28 7.26 12.89 19.40
C LEU D 28 6.94 14.15 18.59
N LEU D 29 6.19 15.06 19.18
CA LEU D 29 5.82 16.30 18.48
C LEU D 29 7.02 17.18 18.10
N ASP D 30 8.04 17.18 18.96
CA ASP D 30 9.28 17.90 18.66
C ASP D 30 9.98 17.27 17.47
N VAL D 31 9.96 15.94 17.42
CA VAL D 31 10.56 15.24 16.29
C VAL D 31 9.78 15.53 15.01
N GLN D 32 8.45 15.47 15.07
CA GLN D 32 7.63 15.85 13.91
C GLN D 32 7.90 17.29 13.45
N ARG D 33 7.94 18.22 14.39
CA ARG D 33 8.24 19.61 14.03
C ARG D 33 9.62 19.74 13.38
N HIS D 34 10.62 19.08 13.97
CA HIS D 34 11.99 19.15 13.47
C HIS D 34 12.10 18.72 12.00
N TYR D 35 11.63 17.53 11.71
CA TYR D 35 11.69 17.02 10.35
C TYR D 35 10.65 17.66 9.44
N GLY D 36 9.49 18.03 9.99
CA GLY D 36 8.46 18.73 9.23
C GLY D 36 8.97 20.04 8.64
N ARG D 37 9.86 20.71 9.36
CA ARG D 37 10.46 21.95 8.91
C ARG D 37 11.34 21.71 7.69
N LEU D 38 11.76 20.46 7.51
CA LEU D 38 12.55 20.09 6.34
C LEU D 38 11.64 19.57 5.23
N GLY D 39 10.34 19.61 5.45
CA GLY D 39 9.40 19.18 4.42
C GLY D 39 9.13 17.69 4.45
N TRP D 40 9.64 16.99 5.46
CA TRP D 40 9.29 15.58 5.64
C TRP D 40 7.86 15.46 6.16
N THR D 41 7.14 14.43 5.71
CA THR D 41 5.80 14.14 6.19
C THR D 41 5.67 12.72 6.73
N SER D 42 4.70 12.52 7.61
CA SER D 42 4.47 11.18 8.11
C SER D 42 3.00 10.82 7.87
N GLY D 43 2.79 9.71 7.18
CA GLY D 43 1.45 9.26 6.88
C GLY D 43 0.86 9.97 5.69
N GLU D 44 -0.45 9.84 5.52
CA GLU D 44 -1.10 10.37 4.33
C GLU D 44 -2.05 11.48 4.74
N ILE D 45 -2.38 12.38 3.81
CA ILE D 45 -3.45 13.32 4.08
C ILE D 45 -4.73 12.49 4.17
N PRO D 46 -5.45 12.59 5.30
CA PRO D 46 -6.76 11.93 5.40
C PRO D 46 -7.68 12.44 4.30
N SER D 47 -8.58 11.59 3.82
CA SER D 47 -9.53 11.99 2.79
C SER D 47 -10.36 13.17 3.28
N GLY D 48 -10.48 14.20 2.47
CA GLY D 48 -11.18 15.40 2.90
C GLY D 48 -10.27 16.37 3.63
N GLY D 49 -9.00 16.01 3.76
CA GLY D 49 -8.02 16.86 4.44
C GLY D 49 -7.95 16.55 5.93
N TYR D 50 -6.89 16.98 6.60
CA TYR D 50 -6.83 16.86 8.06
C TYR D 50 -8.01 17.61 8.67
N GLN D 51 -8.61 17.02 9.70
CA GLN D 51 -9.71 17.69 10.44
C GLN D 51 -9.16 18.26 11.74
N PHE D 52 -9.10 19.58 11.83
CA PHE D 52 -8.60 20.24 13.03
C PHE D 52 -9.69 21.13 13.66
N PRO D 53 -9.61 21.35 14.98
CA PRO D 53 -10.57 22.23 15.67
C PRO D 53 -10.45 23.65 15.14
N ILE D 54 -11.57 24.34 14.97
CA ILE D 54 -11.53 25.68 14.36
C ILE D 54 -10.68 26.68 15.16
N GLU D 55 -10.66 26.55 16.48
CA GLU D 55 -9.88 27.44 17.34
C GLU D 55 -8.38 27.17 17.25
N ASN D 56 -8.00 26.13 16.50
CA ASN D 56 -6.58 25.86 16.26
C ASN D 56 -6.02 26.54 15.00
N GLU D 57 -6.89 27.16 14.21
CA GLU D 57 -6.46 27.68 12.89
C GLU D 57 -5.53 28.89 12.96
N ALA D 58 -5.84 29.83 13.84
CA ALA D 58 -5.08 31.08 13.91
C ALA D 58 -3.57 30.88 14.07
N ASP D 59 -3.18 29.90 14.88
CA ASP D 59 -1.76 29.74 15.20
C ASP D 59 -1.25 28.32 14.99
N PHE D 60 -1.91 27.59 14.09
CA PHE D 60 -1.54 26.22 13.81
C PHE D 60 -0.08 26.08 13.39
N ASP D 61 0.60 25.06 13.94
CA ASP D 61 1.98 24.80 13.55
C ASP D 61 2.01 23.91 12.31
N TRP D 62 2.07 24.56 11.14
CA TRP D 62 2.07 23.85 9.88
C TRP D 62 3.21 22.85 9.74
N SER D 63 4.29 23.06 10.49
CA SER D 63 5.44 22.17 10.39
C SER D 63 5.12 20.79 10.95
N LEU D 64 4.10 20.72 11.81
CA LEU D 64 3.60 19.40 12.28
C LEU D 64 3.25 18.43 11.14
N ILE D 65 2.71 18.94 10.04
CA ILE D 65 2.39 18.06 8.93
C ILE D 65 3.33 18.30 7.75
N GLY D 66 4.48 18.89 8.05
CA GLY D 66 5.50 19.08 7.05
C GLY D 66 5.17 20.18 6.08
N ALA D 67 4.25 21.07 6.45
CA ALA D 67 3.88 22.20 5.59
C ALA D 67 4.49 23.51 6.11
N ARG D 68 4.39 24.58 5.31
CA ARG D 68 4.84 25.89 5.76
C ARG D 68 4.01 26.97 5.10
N LYS D 69 3.97 28.13 5.75
CA LYS D 69 3.27 29.29 5.21
C LYS D 69 4.19 30.03 4.24
N TRP D 70 3.59 30.69 3.26
CA TRP D 70 4.35 31.42 2.26
C TRP D 70 3.51 32.45 1.51
N GLU D 77 -0.59 34.78 0.76
CA GLU D 77 -0.70 33.99 2.00
C GLU D 77 -1.08 32.52 1.75
N LEU D 78 -0.09 31.68 1.45
CA LEU D 78 -0.38 30.30 1.07
C LEU D 78 0.25 29.26 2.00
N VAL D 79 -0.24 28.03 1.91
CA VAL D 79 0.37 26.92 2.62
C VAL D 79 0.95 25.96 1.59
N ILE D 80 2.24 25.70 1.70
CA ILE D 80 2.94 24.79 0.81
C ILE D 80 3.11 23.43 1.47
N HIS D 81 2.73 22.37 0.78
CA HIS D 81 2.80 21.02 1.34
C HIS D 81 3.12 20.05 0.23
N ARG D 82 4.26 19.36 0.38
CA ARG D 82 4.74 18.40 -0.59
C ARG D 82 4.77 18.99 -2.00
N GLY D 83 5.25 20.23 -2.10
CA GLY D 83 5.37 20.89 -3.39
C GLY D 83 4.07 21.41 -4.00
N HIS D 84 2.98 21.44 -3.22
CA HIS D 84 1.72 22.01 -3.71
C HIS D 84 1.33 23.22 -2.88
N ALA D 85 0.75 24.23 -3.53
CA ALA D 85 0.26 25.42 -2.85
C ALA D 85 -1.22 25.32 -2.55
N TYR D 86 -1.59 25.59 -1.30
CA TYR D 86 -2.99 25.55 -0.90
C TYR D 86 -3.46 26.93 -0.48
N ARG D 87 -4.70 27.26 -0.84
CA ARG D 87 -5.28 28.57 -0.54
C ARG D 87 -6.21 28.50 0.69
N ARG D 88 -6.19 29.54 1.49
CA ARG D 88 -7.01 29.61 2.69
C ARG D 88 -8.41 30.05 2.32
N ARG D 89 -9.43 29.31 2.76
CA ARG D 89 -10.80 29.66 2.40
C ARG D 89 -11.69 29.81 3.62
N GLU D 90 -12.27 31.00 3.76
CA GLU D 90 -13.11 31.29 4.93
C GLU D 90 -14.57 30.99 4.61
N LEU D 91 -15.11 29.97 5.26
CA LEU D 91 -16.49 29.55 5.03
C LEU D 91 -17.39 29.98 6.19
N GLU D 92 -17.97 31.17 6.06
CA GLU D 92 -18.86 31.72 7.07
C GLU D 92 -19.99 30.75 7.37
N ALA D 93 -20.36 30.63 8.65
CA ALA D 93 -21.51 29.80 9.02
C ALA D 93 -22.80 30.27 8.35
N VAL D 94 -23.78 29.37 8.29
CA VAL D 94 -25.06 29.69 7.66
C VAL D 94 -26.20 29.15 8.53
N LEU D 101 -25.07 24.82 8.62
CA LEU D 101 -23.61 24.82 8.40
C LEU D 101 -22.84 25.62 9.45
N PRO D 102 -21.90 24.95 10.14
CA PRO D 102 -20.99 25.60 11.09
C PRO D 102 -19.95 26.38 10.32
N ALA D 103 -19.29 27.34 10.97
CA ALA D 103 -18.22 28.06 10.30
C ALA D 103 -17.02 27.12 10.13
N ALA D 104 -16.22 27.35 9.10
CA ALA D 104 -15.02 26.56 8.89
C ALA D 104 -13.97 27.34 8.12
N ILE D 105 -12.71 26.97 8.32
CA ILE D 105 -11.64 27.51 7.49
C ILE D 105 -10.96 26.36 6.76
N LYS D 106 -11.01 26.40 5.43
CA LYS D 106 -10.51 25.29 4.64
C LYS D 106 -9.26 25.69 3.88
N TYR D 107 -8.31 24.76 3.80
CA TYR D 107 -7.15 24.94 2.92
C TYR D 107 -7.28 23.93 1.80
N SER D 108 -7.34 24.42 0.56
CA SER D 108 -7.51 23.55 -0.58
C SER D 108 -6.93 24.21 -1.83
N ARG D 109 -6.81 23.41 -2.89
CA ARG D 109 -6.25 23.88 -4.15
C ARG D 109 -7.07 23.27 -5.26
N GLY D 110 -6.93 23.80 -6.48
CA GLY D 110 -7.57 23.20 -7.64
C GLY D 110 -6.87 21.91 -7.96
N ALA D 111 -7.62 20.90 -8.40
CA ALA D 111 -7.00 19.64 -8.78
C ALA D 111 -6.11 19.85 -10.00
N LYS D 112 -5.06 19.05 -10.09
CA LYS D 112 -4.15 19.05 -11.24
C LYS D 112 -4.44 17.83 -12.10
N VAL D 113 -3.92 17.84 -13.32
CA VAL D 113 -4.19 16.73 -14.25
C VAL D 113 -3.61 15.44 -13.69
N SER D 114 -2.59 15.57 -12.85
CA SER D 114 -1.96 14.42 -12.24
C SER D 114 -2.63 13.94 -10.94
N ASP D 115 -3.60 14.68 -10.41
CA ASP D 115 -4.25 14.23 -9.18
C ASP D 115 -5.16 13.04 -9.44
N PRO D 116 -4.98 11.96 -8.66
CA PRO D 116 -5.83 10.77 -8.84
C PRO D 116 -7.29 11.05 -8.43
N GLN D 117 -8.21 10.26 -8.93
CA GLN D 117 -9.64 10.52 -8.74
C GLN D 117 -10.05 10.64 -7.28
N HIS D 118 -9.53 9.76 -6.42
CA HIS D 118 -10.01 9.67 -5.04
C HIS D 118 -9.75 10.91 -4.19
N VAL D 119 -8.93 11.85 -4.65
CA VAL D 119 -8.70 13.08 -3.87
C VAL D 119 -9.44 14.28 -4.46
N ARG D 120 -10.04 14.10 -5.62
CA ARG D 120 -10.76 15.20 -6.26
C ARG D 120 -12.17 15.39 -5.71
N GLU D 121 -12.49 16.60 -5.35
CA GLU D 121 -13.81 16.96 -4.88
C GLU D 121 -14.53 17.85 -5.87
N LYS D 122 -15.53 17.29 -6.51
CA LYS D 122 -16.27 18.05 -7.50
C LYS D 122 -17.11 19.14 -6.87
N ALA D 123 -17.00 20.32 -7.39
CA ALA D 123 -17.74 21.45 -6.93
C ALA D 123 -18.28 22.27 -8.11
N ASP D 124 -18.89 23.41 -7.84
CA ASP D 124 -19.52 24.23 -8.85
C ASP D 124 -18.69 24.56 -10.10
N GLY D 125 -19.30 24.38 -11.25
CA GLY D 125 -18.64 24.76 -12.48
C GLY D 125 -17.59 23.83 -13.05
N ASP D 126 -17.72 22.55 -12.78
CA ASP D 126 -16.76 21.59 -13.22
C ASP D 126 -15.38 21.86 -12.64
N ILE D 127 -15.34 22.53 -11.53
CA ILE D 127 -14.06 22.68 -10.82
C ILE D 127 -13.89 21.56 -9.79
N GLU D 128 -12.68 21.04 -9.66
CA GLU D 128 -12.39 20.05 -8.63
C GLU D 128 -11.34 20.57 -7.66
N TYR D 129 -11.55 20.28 -6.37
CA TYR D 129 -10.64 20.75 -5.32
C TYR D 129 -9.92 19.58 -4.66
N VAL D 130 -8.75 19.85 -4.10
CA VAL D 130 -8.03 18.86 -3.34
C VAL D 130 -7.76 19.53 -2.00
N SER D 131 -8.19 18.88 -0.91
CA SER D 131 -8.13 19.48 0.42
C SER D 131 -6.90 19.05 1.19
N LEU D 132 -6.26 20.01 1.84
CA LEU D 132 -5.17 19.70 2.76
C LEU D 132 -5.74 19.58 4.16
N ALA D 133 -6.56 20.55 4.54
CA ALA D 133 -7.05 20.61 5.90
C ALA D 133 -8.32 21.44 5.99
N ILE D 134 -9.13 21.10 6.96
CA ILE D 134 -10.25 21.90 7.37
C ILE D 134 -10.30 22.09 8.88
N PHE D 135 -10.49 23.32 9.25
CA PHE D 135 -10.52 23.76 10.60
C PHE D 135 -11.98 24.05 10.93
N ARG D 136 -12.51 23.28 11.85
CA ARG D 136 -13.91 23.30 12.13
C ARG D 136 -14.32 22.49 13.35
N GLY D 137 -15.17 23.08 14.16
CA GLY D 137 -15.71 22.46 15.34
C GLY D 137 -14.64 22.09 16.33
N GLY D 138 -14.86 20.98 17.00
CA GLY D 138 -13.91 20.46 17.97
C GLY D 138 -13.53 21.41 19.10
N LYS D 139 -12.50 21.02 19.85
CA LYS D 139 -11.98 21.86 20.90
C LYS D 139 -10.48 22.06 20.67
N ARG D 140 -10.00 23.27 20.91
CA ARG D 140 -8.59 23.58 20.72
C ARG D 140 -7.70 22.59 21.44
N GLN D 141 -6.69 22.10 20.74
CA GLN D 141 -5.65 21.29 21.33
C GLN D 141 -4.36 22.11 21.27
N GLU D 142 -3.89 22.58 22.43
CA GLU D 142 -2.72 23.47 22.51
C GLU D 142 -1.48 22.83 21.86
N ARG D 143 -1.42 21.50 21.88
CA ARG D 143 -0.33 20.75 21.24
C ARG D 143 -0.11 21.12 19.76
N TYR D 144 -1.19 21.50 19.07
CA TYR D 144 -1.12 21.78 17.63
C TYR D 144 -0.62 23.19 17.28
N ALA D 145 -0.51 24.06 18.28
CA ALA D 145 -0.14 25.45 17.99
C ALA D 145 1.36 25.64 17.89
N VAL D 146 1.78 26.69 17.19
CA VAL D 146 3.18 27.10 17.18
C VAL D 146 3.63 27.39 18.61
N PRO D 147 4.80 26.85 19.01
CA PRO D 147 5.37 26.98 20.36
C PRO D 147 5.58 28.43 20.76
N PHE E 3 19.82 5.97 18.45
CA PHE E 3 18.82 7.03 18.39
C PHE E 3 19.24 8.12 17.42
N THR E 4 20.53 8.16 17.10
CA THR E 4 21.02 9.05 16.06
C THR E 4 20.77 8.36 14.72
N MET E 5 20.54 7.05 14.80
CA MET E 5 20.44 6.20 13.61
C MET E 5 19.09 6.30 12.90
N LEU E 6 19.11 6.08 11.59
CA LEU E 6 17.89 6.03 10.79
C LEU E 6 17.86 4.71 10.04
N GLN E 7 16.69 4.36 9.52
CA GLN E 7 16.55 3.25 8.60
C GLN E 7 15.91 3.78 7.33
N ILE E 8 16.34 3.26 6.19
CA ILE E 8 15.71 3.66 4.94
C ILE E 8 15.30 2.42 4.21
N GLU E 9 14.07 2.43 3.68
CA GLU E 9 13.54 1.28 2.97
C GLU E 9 13.71 1.49 1.48
N PHE E 10 14.35 0.53 0.83
CA PHE E 10 14.55 0.58 -0.61
C PHE E 10 13.75 -0.51 -1.28
N ILE E 11 13.48 -0.30 -2.56
CA ILE E 11 13.07 -1.34 -3.46
C ILE E 11 14.29 -1.55 -4.36
N THR E 12 14.85 -2.75 -4.34
CA THR E 12 16.10 -3.01 -5.05
C THR E 12 15.85 -3.15 -6.55
N ASP E 13 16.94 -3.35 -7.30
CA ASP E 13 16.85 -3.57 -8.73
C ASP E 13 16.05 -4.83 -9.04
N LEU E 14 15.95 -5.74 -8.08
CA LEU E 14 15.14 -6.96 -8.22
C LEU E 14 13.76 -6.79 -7.58
N GLY E 15 13.40 -5.56 -7.25
CA GLY E 15 12.09 -5.29 -6.70
C GLY E 15 11.93 -5.64 -5.23
N ALA E 16 12.98 -6.17 -4.62
CA ALA E 16 12.92 -6.60 -3.21
C ALA E 16 12.82 -5.44 -2.25
N ARG E 17 12.08 -5.67 -1.16
CA ARG E 17 11.90 -4.65 -0.12
C ARG E 17 12.93 -4.82 1.00
N VAL E 18 13.96 -3.99 0.93
CA VAL E 18 15.13 -4.09 1.80
C VAL E 18 15.33 -2.83 2.63
N THR E 19 15.52 -3.01 3.92
CA THR E 19 15.72 -1.86 4.81
C THR E 19 17.20 -1.75 5.14
N VAL E 20 17.75 -0.53 5.04
CA VAL E 20 19.16 -0.28 5.33
C VAL E 20 19.32 0.61 6.57
N ASN E 21 20.30 0.30 7.41
CA ASN E 21 20.62 1.14 8.56
C ASN E 21 21.59 2.27 8.20
N VAL E 22 21.31 3.47 8.71
CA VAL E 22 22.16 4.65 8.48
C VAL E 22 22.65 5.15 9.84
N GLU E 23 23.97 5.33 9.97
CA GLU E 23 24.58 5.67 11.26
C GLU E 23 24.20 7.07 11.74
N HIS E 24 24.31 8.04 10.83
CA HIS E 24 23.93 9.40 11.17
C HIS E 24 23.06 10.04 10.10
N GLU E 25 22.08 10.80 10.55
CA GLU E 25 21.24 11.66 9.74
C GLU E 25 21.98 12.40 8.62
N SER E 26 23.17 12.91 8.93
CA SER E 26 23.97 13.64 7.96
C SER E 26 24.38 12.77 6.77
N ARG E 27 24.42 11.45 6.97
CA ARG E 27 24.86 10.52 5.94
C ARG E 27 23.72 10.02 5.03
N LEU E 28 22.51 10.50 5.27
CA LEU E 28 21.32 9.99 4.57
C LEU E 28 21.43 10.07 3.05
N LEU E 29 21.71 11.25 2.52
CA LEU E 29 21.79 11.44 1.07
C LEU E 29 22.92 10.62 0.43
N ASP E 30 24.01 10.41 1.16
CA ASP E 30 25.10 9.60 0.63
C ASP E 30 24.73 8.12 0.52
N VAL E 31 24.02 7.61 1.51
CA VAL E 31 23.47 6.26 1.42
C VAL E 31 22.53 6.15 0.23
N GLN E 32 21.67 7.16 0.05
CA GLN E 32 20.75 7.16 -1.10
C GLN E 32 21.50 7.14 -2.42
N ARG E 33 22.56 7.94 -2.52
CA ARG E 33 23.38 7.93 -3.73
C ARG E 33 24.01 6.57 -3.95
N HIS E 34 24.45 5.94 -2.87
CA HIS E 34 25.17 4.68 -2.99
C HIS E 34 24.28 3.58 -3.58
N TYR E 35 23.13 3.34 -2.97
CA TYR E 35 22.25 2.30 -3.51
C TYR E 35 21.50 2.78 -4.74
N GLY E 36 21.39 4.12 -4.86
CA GLY E 36 20.82 4.74 -6.04
C GLY E 36 21.56 4.35 -7.31
N ARG E 37 22.90 4.36 -7.25
CA ARG E 37 23.71 3.98 -8.39
C ARG E 37 23.44 2.55 -8.79
N LEU E 38 22.99 1.73 -7.84
CA LEU E 38 22.63 0.35 -8.14
C LEU E 38 21.20 0.25 -8.69
N GLY E 39 20.54 1.39 -8.79
CA GLY E 39 19.17 1.43 -9.27
C GLY E 39 18.16 1.11 -8.17
N TRP E 40 18.58 1.18 -6.92
CA TRP E 40 17.62 1.02 -5.85
C TRP E 40 16.86 2.32 -5.65
N THR E 41 15.57 2.22 -5.35
CA THR E 41 14.75 3.40 -5.12
C THR E 41 14.09 3.31 -3.76
N SER E 42 13.70 4.46 -3.21
CA SER E 42 13.02 4.48 -1.93
C SER E 42 11.74 5.30 -2.03
N GLY E 43 10.60 4.72 -1.65
CA GLY E 43 9.35 5.45 -1.75
C GLY E 43 8.81 5.46 -3.17
N GLU E 44 7.76 6.23 -3.41
CA GLU E 44 7.10 6.27 -4.71
C GLU E 44 7.38 7.58 -5.45
N ILE E 45 7.26 7.56 -6.78
CA ILE E 45 7.22 8.81 -7.53
C ILE E 45 5.96 9.54 -7.08
N PRO E 46 6.11 10.79 -6.59
CA PRO E 46 4.94 11.59 -6.20
C PRO E 46 4.05 11.83 -7.41
N SER E 47 2.75 11.98 -7.21
CA SER E 47 1.82 12.27 -8.30
C SER E 47 2.28 13.53 -9.04
N GLY E 48 2.35 13.44 -10.35
CA GLY E 48 2.86 14.55 -11.14
C GLY E 48 4.36 14.59 -11.23
N GLY E 49 5.04 13.61 -10.64
CA GLY E 49 6.50 13.54 -10.68
C GLY E 49 7.13 14.30 -9.53
N TYR E 50 8.39 13.97 -9.20
CA TYR E 50 9.12 14.75 -8.21
C TYR E 50 9.13 16.22 -8.64
N GLN E 51 9.19 17.12 -7.66
CA GLN E 51 9.25 18.55 -7.95
C GLN E 51 10.53 19.12 -7.38
N PHE E 52 11.40 19.62 -8.25
CA PHE E 52 12.70 20.13 -7.85
C PHE E 52 12.87 21.54 -8.39
N PRO E 53 13.74 22.33 -7.74
CA PRO E 53 14.05 23.69 -8.18
C PRO E 53 14.65 23.68 -9.58
N ILE E 54 14.23 24.62 -10.42
CA ILE E 54 14.73 24.69 -11.79
C ILE E 54 16.25 24.86 -11.84
N GLU E 55 16.82 25.55 -10.85
CA GLU E 55 18.27 25.74 -10.82
C GLU E 55 19.05 24.47 -10.46
N ASN E 56 18.32 23.42 -10.09
CA ASN E 56 18.96 22.14 -9.79
C ASN E 56 19.06 21.16 -10.97
N GLU E 57 18.44 21.51 -12.09
CA GLU E 57 18.28 20.57 -13.21
C GLU E 57 19.60 20.22 -13.90
N ALA E 58 20.41 21.23 -14.19
CA ALA E 58 21.63 21.03 -14.98
C ALA E 58 22.58 19.97 -14.40
N ASP E 59 22.65 19.89 -13.06
CA ASP E 59 23.64 19.01 -12.41
C ASP E 59 22.99 18.17 -11.32
N PHE E 60 21.70 17.90 -11.49
CA PHE E 60 20.97 17.09 -10.54
C PHE E 60 21.62 15.70 -10.41
N ASP E 61 21.72 15.21 -9.18
CA ASP E 61 22.25 13.87 -8.99
C ASP E 61 21.09 12.88 -9.07
N TRP E 62 20.94 12.26 -10.23
CA TRP E 62 19.82 11.35 -10.46
C TRP E 62 19.91 10.09 -9.60
N SER E 63 21.10 9.77 -9.11
CA SER E 63 21.25 8.59 -8.25
C SER E 63 20.48 8.76 -6.93
N LEU E 64 20.20 10.00 -6.56
CA LEU E 64 19.38 10.27 -5.37
C LEU E 64 18.04 9.56 -5.46
N ILE E 65 17.47 9.47 -6.67
CA ILE E 65 16.19 8.76 -6.82
C ILE E 65 16.33 7.45 -7.59
N GLY E 66 17.55 6.89 -7.59
CA GLY E 66 17.79 5.60 -8.22
C GLY E 66 17.76 5.63 -9.74
N ALA E 67 17.97 6.82 -10.30
CA ALA E 67 17.91 7.00 -11.74
C ALA E 67 19.31 7.30 -12.27
N ARG E 68 19.45 7.26 -13.60
CA ARG E 68 20.72 7.56 -14.27
C ARG E 68 20.43 8.20 -15.64
N LYS E 69 21.33 9.07 -16.09
CA LYS E 69 21.17 9.68 -17.41
C LYS E 69 21.70 8.78 -18.53
N TRP E 70 21.13 8.99 -19.72
CA TRP E 70 21.47 8.19 -20.89
C TRP E 70 21.05 8.97 -22.14
N LYS E 71 22.00 9.18 -23.05
CA LYS E 71 21.70 9.84 -24.32
C LYS E 71 21.39 8.79 -25.38
N SER E 72 20.28 8.96 -26.10
CA SER E 72 19.93 8.06 -27.19
C SER E 72 20.87 8.22 -28.41
N PRO E 73 20.90 7.21 -29.30
CA PRO E 73 21.70 7.35 -30.53
C PRO E 73 21.18 8.47 -31.42
N GLU E 74 19.91 8.83 -31.26
CA GLU E 74 19.32 9.95 -31.99
C GLU E 74 19.64 11.29 -31.33
N GLY E 75 20.32 11.25 -30.19
CA GLY E 75 20.73 12.46 -29.49
C GLY E 75 19.77 12.89 -28.39
N GLU E 76 18.82 12.03 -28.06
CA GLU E 76 17.83 12.36 -27.06
C GLU E 76 18.48 12.34 -25.68
N GLU E 77 18.14 13.33 -24.86
CA GLU E 77 18.56 13.31 -23.47
C GLU E 77 17.51 12.53 -22.69
N LEU E 78 17.92 11.39 -22.11
CA LEU E 78 16.96 10.54 -21.39
C LEU E 78 17.37 10.27 -19.95
N VAL E 79 16.39 9.91 -19.12
CA VAL E 79 16.68 9.43 -17.79
C VAL E 79 16.02 8.06 -17.61
N ILE E 80 16.80 7.12 -17.07
CA ILE E 80 16.34 5.76 -16.87
C ILE E 80 16.01 5.58 -15.40
N HIS E 81 14.78 5.20 -15.11
CA HIS E 81 14.34 5.00 -13.74
C HIS E 81 13.42 3.79 -13.70
N ARG E 82 13.78 2.80 -12.87
CA ARG E 82 13.05 1.52 -12.79
C ARG E 82 12.77 0.88 -14.14
N GLY E 83 13.75 0.91 -15.04
CA GLY E 83 13.60 0.25 -16.33
C GLY E 83 12.84 1.03 -17.39
N HIS E 84 12.38 2.24 -17.07
CA HIS E 84 11.67 3.08 -18.03
C HIS E 84 12.53 4.28 -18.44
N ALA E 85 12.37 4.74 -19.68
CA ALA E 85 13.11 5.91 -20.16
C ALA E 85 12.20 7.12 -20.11
N TYR E 86 12.69 8.22 -19.57
CA TYR E 86 11.91 9.46 -19.55
C TYR E 86 12.63 10.52 -20.36
N ARG E 87 11.92 11.18 -21.26
CA ARG E 87 12.51 12.25 -22.08
C ARG E 87 12.59 13.58 -21.35
N ARG E 88 13.69 14.29 -21.56
CA ARG E 88 13.86 15.65 -21.05
C ARG E 88 13.04 16.61 -21.94
N ARG E 89 12.14 17.37 -21.35
CA ARG E 89 11.30 18.29 -22.13
C ARG E 89 11.41 19.71 -21.60
N GLU E 90 11.73 20.65 -22.50
CA GLU E 90 11.88 22.04 -22.12
C GLU E 90 10.55 22.75 -22.35
N LEU E 91 9.98 23.25 -21.27
CA LEU E 91 8.70 23.94 -21.35
C LEU E 91 8.91 25.44 -21.13
N GLU E 92 8.76 26.23 -22.20
CA GLU E 92 9.03 27.65 -22.15
C GLU E 92 8.02 28.41 -21.32
N ALA E 93 8.48 29.44 -20.62
CA ALA E 93 7.61 30.31 -19.86
C ALA E 93 6.52 30.93 -20.73
N VAL E 94 5.38 31.21 -20.10
CA VAL E 94 4.24 31.85 -20.75
C VAL E 94 3.75 32.99 -19.85
N ASP E 95 3.49 34.16 -20.44
CA ASP E 95 3.03 35.33 -19.69
C ASP E 95 2.09 36.21 -20.50
N LEU E 99 -3.00 33.66 -18.59
CA LEU E 99 -2.12 32.48 -18.70
C LEU E 99 -0.69 32.79 -18.26
N LYS E 100 -0.37 32.44 -17.03
CA LYS E 100 1.01 32.58 -16.56
C LYS E 100 1.58 31.21 -16.19
N LEU E 101 2.72 30.86 -16.78
CA LEU E 101 3.39 29.59 -16.50
C LEU E 101 4.90 29.77 -16.51
N PRO E 102 5.55 29.43 -15.38
CA PRO E 102 7.00 29.53 -15.25
C PRO E 102 7.66 28.60 -16.24
N ALA E 103 8.90 28.85 -16.61
CA ALA E 103 9.66 27.89 -17.39
C ALA E 103 9.80 26.59 -16.59
N ALA E 104 9.90 25.46 -17.27
CA ALA E 104 10.06 24.20 -16.56
C ALA E 104 10.81 23.19 -17.41
N ILE E 105 11.44 22.24 -16.75
CA ILE E 105 12.08 21.13 -17.42
C ILE E 105 11.41 19.89 -16.90
N LYS E 106 10.73 19.17 -17.78
CA LYS E 106 9.93 18.04 -17.34
C LYS E 106 10.53 16.74 -17.89
N TYR E 107 10.57 15.72 -17.06
CA TYR E 107 10.98 14.40 -17.46
C TYR E 107 9.75 13.51 -17.44
N SER E 108 9.35 13.05 -18.63
CA SER E 108 8.15 12.23 -18.78
C SER E 108 8.26 11.29 -19.98
N ARG E 109 7.44 10.24 -19.96
CA ARG E 109 7.36 9.28 -21.05
C ARG E 109 5.90 9.03 -21.42
N GLY E 110 5.68 8.45 -22.59
CA GLY E 110 4.35 8.04 -22.98
C GLY E 110 3.88 6.90 -22.12
N ALA E 111 2.58 6.86 -21.83
CA ALA E 111 2.01 5.77 -21.04
C ALA E 111 2.16 4.46 -21.80
N LYS E 112 2.36 3.38 -21.07
CA LYS E 112 2.40 2.04 -21.65
C LYS E 112 1.08 1.36 -21.35
N VAL E 113 0.80 0.27 -22.06
CA VAL E 113 -0.43 -0.48 -21.80
C VAL E 113 -0.51 -0.93 -20.33
N SER E 114 0.64 -1.21 -19.72
CA SER E 114 0.64 -1.69 -18.35
C SER E 114 0.55 -0.60 -17.27
N ASP E 115 0.66 0.68 -17.66
CA ASP E 115 0.52 1.77 -16.67
C ASP E 115 -0.90 1.91 -16.15
N PRO E 116 -1.07 1.89 -14.83
CA PRO E 116 -2.38 2.08 -14.20
C PRO E 116 -2.87 3.48 -14.46
N GLN E 117 -4.16 3.69 -14.25
CA GLN E 117 -4.82 4.92 -14.67
C GLN E 117 -4.31 6.11 -13.90
N HIS E 118 -4.09 5.93 -12.60
CA HIS E 118 -3.72 7.02 -11.72
C HIS E 118 -2.38 7.68 -12.05
N VAL E 119 -1.55 7.05 -12.88
CA VAL E 119 -0.28 7.70 -13.26
C VAL E 119 -0.35 8.38 -14.63
N ARG E 120 -1.48 8.22 -15.33
CA ARG E 120 -1.62 8.75 -16.69
C ARG E 120 -2.14 10.17 -16.68
N GLU E 121 -1.48 11.04 -17.44
CA GLU E 121 -1.90 12.42 -17.58
C GLU E 121 -2.36 12.59 -19.02
N LYS E 122 -3.65 12.85 -19.20
CA LYS E 122 -4.20 12.99 -20.55
C LYS E 122 -3.71 14.30 -21.14
N ALA E 123 -3.20 14.22 -22.36
CA ALA E 123 -2.64 15.40 -23.03
C ALA E 123 -3.30 15.54 -24.38
N ASP E 124 -2.78 16.44 -25.20
CA ASP E 124 -3.33 16.65 -26.55
C ASP E 124 -3.21 15.42 -27.44
N GLY E 125 -4.09 15.33 -28.44
CA GLY E 125 -4.00 14.28 -29.43
C GLY E 125 -4.16 12.87 -28.89
N ASP E 126 -4.93 12.74 -27.81
CA ASP E 126 -5.17 11.43 -27.21
C ASP E 126 -3.89 10.79 -26.66
N ILE E 127 -2.88 11.60 -26.37
CA ILE E 127 -1.66 11.04 -25.79
C ILE E 127 -1.73 11.08 -24.25
N GLU E 128 -1.23 10.03 -23.59
CA GLU E 128 -1.09 10.04 -22.16
C GLU E 128 0.38 10.00 -21.73
N TYR E 129 0.76 10.86 -20.80
CA TYR E 129 2.14 10.95 -20.33
C TYR E 129 2.24 10.48 -18.89
N VAL E 130 3.42 10.01 -18.51
CA VAL E 130 3.65 9.57 -17.15
C VAL E 130 4.85 10.36 -16.69
N SER E 131 4.75 11.02 -15.54
CA SER E 131 5.81 11.94 -15.11
C SER E 131 6.80 11.34 -14.12
N LEU E 132 8.08 11.63 -14.34
CA LEU E 132 9.10 11.27 -13.35
C LEU E 132 9.42 12.47 -12.46
N ALA E 133 9.63 13.62 -13.10
CA ALA E 133 10.14 14.79 -12.38
C ALA E 133 9.90 16.08 -13.15
N ILE E 134 9.74 17.18 -12.42
CA ILE E 134 9.68 18.47 -13.08
C ILE E 134 10.53 19.50 -12.35
N PHE E 135 11.43 20.15 -13.08
CA PHE E 135 12.28 21.15 -12.46
C PHE E 135 11.65 22.50 -12.77
N ARG E 136 11.33 23.22 -11.70
CA ARG E 136 10.48 24.39 -11.83
C ARG E 136 10.49 25.26 -10.58
N GLY E 137 10.88 26.52 -10.75
CA GLY E 137 10.82 27.50 -9.68
C GLY E 137 11.73 27.19 -8.52
N GLY E 138 11.27 27.50 -7.31
CA GLY E 138 12.01 27.27 -6.09
C GLY E 138 13.40 27.89 -6.09
N LYS E 139 14.20 27.55 -5.10
CA LYS E 139 15.60 27.96 -5.09
C LYS E 139 16.51 26.75 -4.93
N ARG E 140 17.71 26.85 -5.49
CA ARG E 140 18.63 25.72 -5.60
C ARG E 140 19.05 25.13 -4.26
N GLN E 141 18.84 23.83 -4.09
CA GLN E 141 19.40 23.11 -2.94
C GLN E 141 20.70 22.45 -3.41
N GLU E 142 21.80 22.82 -2.79
CA GLU E 142 23.11 22.31 -3.19
C GLU E 142 23.27 20.82 -2.95
N ARG E 143 22.60 20.30 -1.93
CA ARG E 143 22.73 18.88 -1.60
C ARG E 143 22.14 18.00 -2.71
N TYR E 144 21.27 18.58 -3.54
CA TYR E 144 20.61 17.82 -4.61
C TYR E 144 21.55 17.58 -5.78
N ALA E 145 22.65 18.32 -5.81
CA ALA E 145 23.53 18.29 -6.96
C ALA E 145 24.51 17.14 -6.90
N VAL E 146 25.06 16.78 -8.06
CA VAL E 146 26.19 15.86 -8.14
C VAL E 146 27.37 16.47 -7.38
N PRO E 147 28.03 15.66 -6.53
CA PRO E 147 29.18 16.16 -5.76
C PRO E 147 30.46 16.17 -6.59
CA CA G . 0.58 -35.42 8.54
CA CA H . 0.44 28.69 22.95
#